data_7YHR
# 
_entry.id   7YHR 
# 
_audit_conform.dict_name       mmcif_pdbx.dic 
_audit_conform.dict_version    5.392 
_audit_conform.dict_location   http://mmcif.pdb.org/dictionaries/ascii/mmcif_pdbx.dic 
# 
loop_
_database_2.database_id 
_database_2.database_code 
_database_2.pdbx_database_accession 
_database_2.pdbx_DOI 
PDB   7YHR         pdb_00007yhr 10.2210/pdb7yhr/pdb 
WWPDB D_1300030944 ?            ?                   
# 
loop_
_pdbx_audit_revision_history.ordinal 
_pdbx_audit_revision_history.data_content_type 
_pdbx_audit_revision_history.major_revision 
_pdbx_audit_revision_history.minor_revision 
_pdbx_audit_revision_history.revision_date 
1 'Structure model' 1 0 2023-05-24 
2 'Structure model' 1 1 2023-11-29 
3 'Structure model' 1 2 2024-06-05 
# 
_pdbx_audit_revision_details.ordinal             1 
_pdbx_audit_revision_details.revision_ordinal    1 
_pdbx_audit_revision_details.data_content_type   'Structure model' 
_pdbx_audit_revision_details.provider            repository 
_pdbx_audit_revision_details.type                'Initial release' 
_pdbx_audit_revision_details.description         ? 
_pdbx_audit_revision_details.details             ? 
# 
loop_
_pdbx_audit_revision_group.ordinal 
_pdbx_audit_revision_group.revision_ordinal 
_pdbx_audit_revision_group.data_content_type 
_pdbx_audit_revision_group.group 
1 2 'Structure model' 'Data collection'        
2 2 'Structure model' 'Refinement description' 
3 3 'Structure model' 'Database references'    
# 
loop_
_pdbx_audit_revision_category.ordinal 
_pdbx_audit_revision_category.revision_ordinal 
_pdbx_audit_revision_category.data_content_type 
_pdbx_audit_revision_category.category 
1 2 'Structure model' chem_comp_atom                
2 2 'Structure model' chem_comp_bond                
3 2 'Structure model' pdbx_initial_refinement_model 
4 3 'Structure model' citation                      
# 
loop_
_pdbx_audit_revision_item.ordinal 
_pdbx_audit_revision_item.revision_ordinal 
_pdbx_audit_revision_item.data_content_type 
_pdbx_audit_revision_item.item 
1  3 'Structure model' '_citation.country'                 
2  3 'Structure model' '_citation.journal_abbrev'          
3  3 'Structure model' '_citation.journal_id_ASTM'         
4  3 'Structure model' '_citation.journal_id_CSD'          
5  3 'Structure model' '_citation.journal_id_ISSN'         
6  3 'Structure model' '_citation.journal_volume'          
7  3 'Structure model' '_citation.page_first'              
8  3 'Structure model' '_citation.page_last'               
9  3 'Structure model' '_citation.pdbx_database_id_DOI'    
10 3 'Structure model' '_citation.pdbx_database_id_PubMed' 
11 3 'Structure model' '_citation.title'                   
12 3 'Structure model' '_citation.year'                    
# 
_pdbx_database_status.status_code                     REL 
_pdbx_database_status.status_code_sf                  REL 
_pdbx_database_status.status_code_mr                  ? 
_pdbx_database_status.entry_id                        7YHR 
_pdbx_database_status.recvd_initial_deposition_date   2022-07-14 
_pdbx_database_status.SG_entry                        N 
_pdbx_database_status.deposit_site                    PDBJ 
_pdbx_database_status.process_site                    PDBJ 
_pdbx_database_status.status_code_cs                  ? 
_pdbx_database_status.status_code_nmr_data            ? 
_pdbx_database_status.methods_development_category    ? 
_pdbx_database_status.pdb_format_compatible           Y 
# 
_pdbx_contact_author.id                 2 
_pdbx_contact_author.email              xrayleox@cau.ac.kr 
_pdbx_contact_author.name_first         'Hyun ho' 
_pdbx_contact_author.name_last          Park 
_pdbx_contact_author.name_mi            ? 
_pdbx_contact_author.role               'principal investigator/group leader' 
_pdbx_contact_author.identifier_ORCID   0000-0001-9928-0847 
# 
loop_
_audit_author.name 
_audit_author.pdbx_ordinal 
_audit_author.identifier_ORCID 
'Kang, Y.J.' 1 ? 
'Park, H.H.' 2 ? 
# 
_citation.abstract                  ? 
_citation.abstract_id_CAS           ? 
_citation.book_id_ISBN              ? 
_citation.book_publisher            ? 
_citation.book_publisher_city       ? 
_citation.book_title                ? 
_citation.coordinate_linkage        ? 
_citation.country                   US 
_citation.database_id_Medline       ? 
_citation.details                   ? 
_citation.id                        primary 
_citation.journal_abbrev            Biochem.Biophys.Res.Commun. 
_citation.journal_id_ASTM           BBRCA9 
_citation.journal_id_CSD            0146 
_citation.journal_id_ISSN           1090-2104 
_citation.journal_full              ? 
_citation.journal_issue             ? 
_citation.journal_volume            625 
_citation.language                  ? 
_citation.page_first                102 
_citation.page_last                 108 
_citation.title                     'High-resolution crystal structure of the anti-CRISPR protein AcrIC5.' 
_citation.year                      2022 
_citation.database_id_CSD           ? 
_citation.pdbx_database_id_DOI      10.1016/j.bbrc.2022.08.005 
_citation.pdbx_database_id_PubMed   35952606 
_citation.pdbx_database_id_patent   ? 
_citation.unpublished_flag          ? 
# 
loop_
_citation_author.citation_id 
_citation_author.name 
_citation_author.ordinal 
_citation_author.identifier_ORCID 
primary 'Kang, Y.J.' 1 ? 
primary 'Park, H.H.' 2 ? 
# 
loop_
_entity.id 
_entity.type 
_entity.src_method 
_entity.pdbx_description 
_entity.formula_weight 
_entity.pdbx_number_of_molecules 
_entity.pdbx_ec 
_entity.pdbx_mutation 
_entity.pdbx_fragment 
_entity.details 
1 polymer man 'Anti-CRISPR protein Type I-C5' 6821.373 1  ? ? ? ? 
2 water   nat water                           18.015   53 ? ? ? ? 
# 
_entity_poly.entity_id                      1 
_entity_poly.type                           'polypeptide(L)' 
_entity_poly.nstd_linkage                   no 
_entity_poly.nstd_monomer                   no 
_entity_poly.pdbx_seq_one_letter_code       MSKVTLNGQQIDFDAAVNLMDAELREELHSAQEWTNDQEFLDAYVQAHAAKFDGEEFQVA 
_entity_poly.pdbx_seq_one_letter_code_can   MSKVTLNGQQIDFDAAVNLMDAELREELHSAQEWTNDQEFLDAYVQAHAAKFDGEEFQVA 
_entity_poly.pdbx_strand_id                 A 
_entity_poly.pdbx_target_identifier         ? 
# 
_pdbx_entity_nonpoly.entity_id   2 
_pdbx_entity_nonpoly.name        water 
_pdbx_entity_nonpoly.comp_id     HOH 
# 
loop_
_entity_poly_seq.entity_id 
_entity_poly_seq.num 
_entity_poly_seq.mon_id 
_entity_poly_seq.hetero 
1 1  MET n 
1 2  SER n 
1 3  LYS n 
1 4  VAL n 
1 5  THR n 
1 6  LEU n 
1 7  ASN n 
1 8  GLY n 
1 9  GLN n 
1 10 GLN n 
1 11 ILE n 
1 12 ASP n 
1 13 PHE n 
1 14 ASP n 
1 15 ALA n 
1 16 ALA n 
1 17 VAL n 
1 18 ASN n 
1 19 LEU n 
1 20 MET n 
1 21 ASP n 
1 22 ALA n 
1 23 GLU n 
1 24 LEU n 
1 25 ARG n 
1 26 GLU n 
1 27 GLU n 
1 28 LEU n 
1 29 HIS n 
1 30 SER n 
1 31 ALA n 
1 32 GLN n 
1 33 GLU n 
1 34 TRP n 
1 35 THR n 
1 36 ASN n 
1 37 ASP n 
1 38 GLN n 
1 39 GLU n 
1 40 PHE n 
1 41 LEU n 
1 42 ASP n 
1 43 ALA n 
1 44 TYR n 
1 45 VAL n 
1 46 GLN n 
1 47 ALA n 
1 48 HIS n 
1 49 ALA n 
1 50 ALA n 
1 51 LYS n 
1 52 PHE n 
1 53 ASP n 
1 54 GLY n 
1 55 GLU n 
1 56 GLU n 
1 57 PHE n 
1 58 GLN n 
1 59 VAL n 
1 60 ALA n 
# 
_entity_src_gen.entity_id                          1 
_entity_src_gen.pdbx_src_id                        1 
_entity_src_gen.pdbx_alt_source_flag               sample 
_entity_src_gen.pdbx_seq_type                      'Biological sequence' 
_entity_src_gen.pdbx_beg_seq_num                   1 
_entity_src_gen.pdbx_end_seq_num                   60 
_entity_src_gen.gene_src_common_name               ? 
_entity_src_gen.gene_src_genus                     ? 
_entity_src_gen.pdbx_gene_src_gene                 SAMN05216189_103750 
_entity_src_gen.gene_src_species                   ? 
_entity_src_gen.gene_src_strain                    ? 
_entity_src_gen.gene_src_tissue                    ? 
_entity_src_gen.gene_src_tissue_fraction           ? 
_entity_src_gen.gene_src_details                   ? 
_entity_src_gen.pdbx_gene_src_fragment             ? 
_entity_src_gen.pdbx_gene_src_scientific_name      'Pseudomonas delhiensis' 
_entity_src_gen.pdbx_gene_src_ncbi_taxonomy_id     366289 
_entity_src_gen.pdbx_gene_src_variant              ? 
_entity_src_gen.pdbx_gene_src_cell_line            ? 
_entity_src_gen.pdbx_gene_src_atcc                 ? 
_entity_src_gen.pdbx_gene_src_organ                ? 
_entity_src_gen.pdbx_gene_src_organelle            ? 
_entity_src_gen.pdbx_gene_src_cell                 ? 
_entity_src_gen.pdbx_gene_src_cellular_location    ? 
_entity_src_gen.host_org_common_name               ? 
_entity_src_gen.pdbx_host_org_scientific_name      'Escherichia coli BL21(DE3)' 
_entity_src_gen.pdbx_host_org_ncbi_taxonomy_id     469008 
_entity_src_gen.host_org_genus                     ? 
_entity_src_gen.pdbx_host_org_gene                 ? 
_entity_src_gen.pdbx_host_org_organ                ? 
_entity_src_gen.host_org_species                   ? 
_entity_src_gen.pdbx_host_org_tissue               ? 
_entity_src_gen.pdbx_host_org_tissue_fraction      ? 
_entity_src_gen.pdbx_host_org_strain               ? 
_entity_src_gen.pdbx_host_org_variant              ? 
_entity_src_gen.pdbx_host_org_cell_line            ? 
_entity_src_gen.pdbx_host_org_atcc                 ? 
_entity_src_gen.pdbx_host_org_culture_collection   ? 
_entity_src_gen.pdbx_host_org_cell                 ? 
_entity_src_gen.pdbx_host_org_organelle            ? 
_entity_src_gen.pdbx_host_org_cellular_location    ? 
_entity_src_gen.pdbx_host_org_vector_type          ? 
_entity_src_gen.pdbx_host_org_vector               ? 
_entity_src_gen.host_org_details                   ? 
_entity_src_gen.expression_system_id               ? 
_entity_src_gen.plasmid_name                       ? 
_entity_src_gen.plasmid_details                    ? 
_entity_src_gen.pdbx_description                   ? 
# 
loop_
_chem_comp.id 
_chem_comp.type 
_chem_comp.mon_nstd_flag 
_chem_comp.name 
_chem_comp.pdbx_synonyms 
_chem_comp.formula 
_chem_comp.formula_weight 
ALA 'L-peptide linking' y ALANINE         ? 'C3 H7 N O2'     89.093  
ARG 'L-peptide linking' y ARGININE        ? 'C6 H15 N4 O2 1' 175.209 
ASN 'L-peptide linking' y ASPARAGINE      ? 'C4 H8 N2 O3'    132.118 
ASP 'L-peptide linking' y 'ASPARTIC ACID' ? 'C4 H7 N O4'     133.103 
GLN 'L-peptide linking' y GLUTAMINE       ? 'C5 H10 N2 O3'   146.144 
GLU 'L-peptide linking' y 'GLUTAMIC ACID' ? 'C5 H9 N O4'     147.129 
GLY 'peptide linking'   y GLYCINE         ? 'C2 H5 N O2'     75.067  
HIS 'L-peptide linking' y HISTIDINE       ? 'C6 H10 N3 O2 1' 156.162 
HOH non-polymer         . WATER           ? 'H2 O'           18.015  
ILE 'L-peptide linking' y ISOLEUCINE      ? 'C6 H13 N O2'    131.173 
LEU 'L-peptide linking' y LEUCINE         ? 'C6 H13 N O2'    131.173 
LYS 'L-peptide linking' y LYSINE          ? 'C6 H15 N2 O2 1' 147.195 
MET 'L-peptide linking' y METHIONINE      ? 'C5 H11 N O2 S'  149.211 
PHE 'L-peptide linking' y PHENYLALANINE   ? 'C9 H11 N O2'    165.189 
SER 'L-peptide linking' y SERINE          ? 'C3 H7 N O3'     105.093 
THR 'L-peptide linking' y THREONINE       ? 'C4 H9 N O3'     119.119 
TRP 'L-peptide linking' y TRYPTOPHAN      ? 'C11 H12 N2 O2'  204.225 
TYR 'L-peptide linking' y TYROSINE        ? 'C9 H11 N O3'    181.189 
VAL 'L-peptide linking' y VALINE          ? 'C5 H11 N O2'    117.146 
# 
loop_
_pdbx_poly_seq_scheme.asym_id 
_pdbx_poly_seq_scheme.entity_id 
_pdbx_poly_seq_scheme.seq_id 
_pdbx_poly_seq_scheme.mon_id 
_pdbx_poly_seq_scheme.ndb_seq_num 
_pdbx_poly_seq_scheme.pdb_seq_num 
_pdbx_poly_seq_scheme.auth_seq_num 
_pdbx_poly_seq_scheme.pdb_mon_id 
_pdbx_poly_seq_scheme.auth_mon_id 
_pdbx_poly_seq_scheme.pdb_strand_id 
_pdbx_poly_seq_scheme.pdb_ins_code 
_pdbx_poly_seq_scheme.hetero 
A 1 1  MET 1  1  ?  ?   ?   A . n 
A 1 2  SER 2  2  2  SER SER A . n 
A 1 3  LYS 3  3  3  LYS LYS A . n 
A 1 4  VAL 4  4  4  VAL VAL A . n 
A 1 5  THR 5  5  5  THR THR A . n 
A 1 6  LEU 6  6  6  LEU LEU A . n 
A 1 7  ASN 7  7  7  ASN ASN A . n 
A 1 8  GLY 8  8  8  GLY GLY A . n 
A 1 9  GLN 9  9  9  GLN GLN A . n 
A 1 10 GLN 10 10 10 GLN GLN A . n 
A 1 11 ILE 11 11 11 ILE ILE A . n 
A 1 12 ASP 12 12 12 ASP ASP A . n 
A 1 13 PHE 13 13 13 PHE PHE A . n 
A 1 14 ASP 14 14 14 ASP ASP A . n 
A 1 15 ALA 15 15 15 ALA ALA A . n 
A 1 16 ALA 16 16 16 ALA ALA A . n 
A 1 17 VAL 17 17 17 VAL VAL A . n 
A 1 18 ASN 18 18 18 ASN ASN A . n 
A 1 19 LEU 19 19 19 LEU LEU A . n 
A 1 20 MET 20 20 20 MET MET A . n 
A 1 21 ASP 21 21 21 ASP ASP A . n 
A 1 22 ALA 22 22 22 ALA ALA A . n 
A 1 23 GLU 23 23 23 GLU GLU A . n 
A 1 24 LEU 24 24 24 LEU LEU A . n 
A 1 25 ARG 25 25 25 ARG ARG A . n 
A 1 26 GLU 26 26 26 GLU GLU A . n 
A 1 27 GLU 27 27 27 GLU GLU A . n 
A 1 28 LEU 28 28 28 LEU LEU A . n 
A 1 29 HIS 29 29 29 HIS HIS A . n 
A 1 30 SER 30 30 30 SER SER A . n 
A 1 31 ALA 31 31 31 ALA ALA A . n 
A 1 32 GLN 32 32 32 GLN GLN A . n 
A 1 33 GLU 33 33 33 GLU GLU A . n 
A 1 34 TRP 34 34 34 TRP TRP A . n 
A 1 35 THR 35 35 35 THR THR A . n 
A 1 36 ASN 36 36 36 ASN ASN A . n 
A 1 37 ASP 37 37 37 ASP ASP A . n 
A 1 38 GLN 38 38 38 GLN GLN A . n 
A 1 39 GLU 39 39 39 GLU GLU A . n 
A 1 40 PHE 40 40 40 PHE PHE A . n 
A 1 41 LEU 41 41 41 LEU LEU A . n 
A 1 42 ASP 42 42 42 ASP ASP A . n 
A 1 43 ALA 43 43 43 ALA ALA A . n 
A 1 44 TYR 44 44 44 TYR TYR A . n 
A 1 45 VAL 45 45 45 VAL VAL A . n 
A 1 46 GLN 46 46 46 GLN GLN A . n 
A 1 47 ALA 47 47 47 ALA ALA A . n 
A 1 48 HIS 48 48 48 HIS HIS A . n 
A 1 49 ALA 49 49 49 ALA ALA A . n 
A 1 50 ALA 50 50 50 ALA ALA A . n 
A 1 51 LYS 51 51 51 LYS LYS A . n 
A 1 52 PHE 52 52 52 PHE PHE A . n 
A 1 53 ASP 53 53 53 ASP ASP A . n 
A 1 54 GLY 54 54 54 GLY GLY A . n 
A 1 55 GLU 55 55 55 GLU GLU A . n 
A 1 56 GLU 56 56 56 GLU GLU A . n 
A 1 57 PHE 57 57 57 PHE PHE A . n 
A 1 58 GLN 58 58 58 GLN GLN A . n 
A 1 59 VAL 59 59 59 VAL VAL A . n 
A 1 60 ALA 60 60 60 ALA ALA A . n 
# 
loop_
_pdbx_nonpoly_scheme.asym_id 
_pdbx_nonpoly_scheme.entity_id 
_pdbx_nonpoly_scheme.mon_id 
_pdbx_nonpoly_scheme.ndb_seq_num 
_pdbx_nonpoly_scheme.pdb_seq_num 
_pdbx_nonpoly_scheme.auth_seq_num 
_pdbx_nonpoly_scheme.pdb_mon_id 
_pdbx_nonpoly_scheme.auth_mon_id 
_pdbx_nonpoly_scheme.pdb_strand_id 
_pdbx_nonpoly_scheme.pdb_ins_code 
B 2 HOH 1  101 47 HOH HOH A . 
B 2 HOH 2  102 30 HOH HOH A . 
B 2 HOH 3  103 25 HOH HOH A . 
B 2 HOH 4  104 28 HOH HOH A . 
B 2 HOH 5  105 35 HOH HOH A . 
B 2 HOH 6  106 44 HOH HOH A . 
B 2 HOH 7  107 40 HOH HOH A . 
B 2 HOH 8  108 2  HOH HOH A . 
B 2 HOH 9  109 27 HOH HOH A . 
B 2 HOH 10 110 52 HOH HOH A . 
B 2 HOH 11 111 37 HOH HOH A . 
B 2 HOH 12 112 15 HOH HOH A . 
B 2 HOH 13 113 24 HOH HOH A . 
B 2 HOH 14 114 19 HOH HOH A . 
B 2 HOH 15 115 18 HOH HOH A . 
B 2 HOH 16 116 53 HOH HOH A . 
B 2 HOH 17 117 17 HOH HOH A . 
B 2 HOH 18 118 7  HOH HOH A . 
B 2 HOH 19 119 14 HOH HOH A . 
B 2 HOH 20 120 1  HOH HOH A . 
B 2 HOH 21 121 11 HOH HOH A . 
B 2 HOH 22 122 29 HOH HOH A . 
B 2 HOH 23 123 10 HOH HOH A . 
B 2 HOH 24 124 3  HOH HOH A . 
B 2 HOH 25 125 4  HOH HOH A . 
B 2 HOH 26 126 13 HOH HOH A . 
B 2 HOH 27 127 50 HOH HOH A . 
B 2 HOH 28 128 26 HOH HOH A . 
B 2 HOH 29 129 6  HOH HOH A . 
B 2 HOH 30 130 5  HOH HOH A . 
B 2 HOH 31 131 49 HOH HOH A . 
B 2 HOH 32 132 21 HOH HOH A . 
B 2 HOH 33 133 8  HOH HOH A . 
B 2 HOH 34 134 23 HOH HOH A . 
B 2 HOH 35 135 12 HOH HOH A . 
B 2 HOH 36 136 32 HOH HOH A . 
B 2 HOH 37 137 20 HOH HOH A . 
B 2 HOH 38 138 22 HOH HOH A . 
B 2 HOH 39 139 45 HOH HOH A . 
B 2 HOH 40 140 9  HOH HOH A . 
B 2 HOH 41 141 31 HOH HOH A . 
B 2 HOH 42 142 43 HOH HOH A . 
B 2 HOH 43 143 34 HOH HOH A . 
B 2 HOH 44 144 38 HOH HOH A . 
B 2 HOH 45 145 41 HOH HOH A . 
B 2 HOH 46 146 42 HOH HOH A . 
B 2 HOH 47 147 16 HOH HOH A . 
B 2 HOH 48 148 39 HOH HOH A . 
B 2 HOH 49 149 46 HOH HOH A . 
B 2 HOH 50 150 33 HOH HOH A . 
B 2 HOH 51 151 36 HOH HOH A . 
B 2 HOH 52 152 48 HOH HOH A . 
B 2 HOH 53 153 51 HOH HOH A . 
# 
loop_
_software.citation_id 
_software.classification 
_software.compiler_name 
_software.compiler_version 
_software.contact_author 
_software.contact_author_email 
_software.date 
_software.description 
_software.dependencies 
_software.hardware 
_software.language 
_software.location 
_software.mods 
_software.name 
_software.os 
_software.os_version 
_software.type 
_software.version 
_software.pdbx_ordinal 
? refinement       ? ? ? ? ? ? ? ? ? ? ? PHENIX ? ? ? 1.17_3644 1 
? 'data reduction' ? ? ? ? ? ? ? ? ? ? ? XDS    ? ? ? .         2 
? 'data scaling'   ? ? ? ? ? ? ? ? ? ? ? XDS    ? ? ? .         3 
? phasing          ? ? ? ? ? ? ? ? ? ? ? PHENIX ? ? ? .         4 
# 
_cell.angle_alpha                  90.000 
_cell.angle_alpha_esd              ? 
_cell.angle_beta                   90.000 
_cell.angle_beta_esd               ? 
_cell.angle_gamma                  120.000 
_cell.angle_gamma_esd              ? 
_cell.entry_id                     7YHR 
_cell.details                      ? 
_cell.formula_units_Z              ? 
_cell.length_a                     54.250 
_cell.length_a_esd                 ? 
_cell.length_b                     54.250 
_cell.length_b_esd                 ? 
_cell.length_c                     42.830 
_cell.length_c_esd                 ? 
_cell.volume                       109163.686 
_cell.volume_esd                   ? 
_cell.Z_PDB                        6 
_cell.reciprocal_angle_alpha       ? 
_cell.reciprocal_angle_beta        ? 
_cell.reciprocal_angle_gamma       ? 
_cell.reciprocal_angle_alpha_esd   ? 
_cell.reciprocal_angle_beta_esd    ? 
_cell.reciprocal_angle_gamma_esd   ? 
_cell.reciprocal_length_a          ? 
_cell.reciprocal_length_b          ? 
_cell.reciprocal_length_c          ? 
_cell.reciprocal_length_a_esd      ? 
_cell.reciprocal_length_b_esd      ? 
_cell.reciprocal_length_c_esd      ? 
_cell.pdbx_unique_axis             ? 
_cell.pdbx_esd_method              ? 
# 
_symmetry.entry_id                         7YHR 
_symmetry.cell_setting                     ? 
_symmetry.Int_Tables_number                169 
_symmetry.space_group_name_Hall            'P 61' 
_symmetry.space_group_name_H-M             'P 61' 
_symmetry.pdbx_full_space_group_name_H-M   ? 
# 
_exptl.absorpt_coefficient_mu     ? 
_exptl.absorpt_correction_T_max   ? 
_exptl.absorpt_correction_T_min   ? 
_exptl.absorpt_correction_type    ? 
_exptl.absorpt_process_details    ? 
_exptl.entry_id                   7YHR 
_exptl.crystals_number            1 
_exptl.details                    ? 
_exptl.method                     'X-RAY DIFFRACTION' 
_exptl.method_details             ? 
# 
_exptl_crystal.colour                       ? 
_exptl_crystal.density_diffrn               ? 
_exptl_crystal.density_Matthews             2.67 
_exptl_crystal.density_method               ? 
_exptl_crystal.density_percent_sol          53.88 
_exptl_crystal.description                  ? 
_exptl_crystal.F_000                        ? 
_exptl_crystal.id                           1 
_exptl_crystal.preparation                  ? 
_exptl_crystal.size_max                     ? 
_exptl_crystal.size_mid                     ? 
_exptl_crystal.size_min                     ? 
_exptl_crystal.size_rad                     ? 
_exptl_crystal.colour_lustre                ? 
_exptl_crystal.colour_modifier              ? 
_exptl_crystal.colour_primary               ? 
_exptl_crystal.density_meas                 ? 
_exptl_crystal.density_meas_esd             ? 
_exptl_crystal.density_meas_gt              ? 
_exptl_crystal.density_meas_lt              ? 
_exptl_crystal.density_meas_temp            ? 
_exptl_crystal.density_meas_temp_esd        ? 
_exptl_crystal.density_meas_temp_gt         ? 
_exptl_crystal.density_meas_temp_lt         ? 
_exptl_crystal.pdbx_crystal_image_url       ? 
_exptl_crystal.pdbx_crystal_image_format    ? 
_exptl_crystal.pdbx_mosaicity               ? 
_exptl_crystal.pdbx_mosaicity_esd           ? 
_exptl_crystal.pdbx_mosaic_method           ? 
_exptl_crystal.pdbx_mosaic_block_size       ? 
_exptl_crystal.pdbx_mosaic_block_size_esd   ? 
# 
_exptl_crystal_grow.apparatus       ? 
_exptl_crystal_grow.atmosphere      ? 
_exptl_crystal_grow.crystal_id      1 
_exptl_crystal_grow.details         ? 
_exptl_crystal_grow.method          'VAPOR DIFFUSION, HANGING DROP' 
_exptl_crystal_grow.method_ref      ? 
_exptl_crystal_grow.pH              ? 
_exptl_crystal_grow.pressure        ? 
_exptl_crystal_grow.pressure_esd    ? 
_exptl_crystal_grow.seeding         ? 
_exptl_crystal_grow.seeding_ref     ? 
_exptl_crystal_grow.temp            293.15 
_exptl_crystal_grow.temp_details    ? 
_exptl_crystal_grow.temp_esd        ? 
_exptl_crystal_grow.time            ? 
_exptl_crystal_grow.pdbx_details    '1.6 M sodium citrate tribasic digydrate pH6.5' 
_exptl_crystal_grow.pdbx_pH_range   ? 
# 
_diffrn.ambient_environment              ? 
_diffrn.ambient_temp                     125 
_diffrn.ambient_temp_details             ? 
_diffrn.ambient_temp_esd                 ? 
_diffrn.crystal_id                       1 
_diffrn.crystal_support                  ? 
_diffrn.crystal_treatment                ? 
_diffrn.details                          ? 
_diffrn.id                               1 
_diffrn.ambient_pressure                 ? 
_diffrn.ambient_pressure_esd             ? 
_diffrn.ambient_pressure_gt              ? 
_diffrn.ambient_pressure_lt              ? 
_diffrn.ambient_temp_gt                  ? 
_diffrn.ambient_temp_lt                  ? 
_diffrn.pdbx_serial_crystal_experiment   N 
# 
_diffrn_detector.details                      ? 
_diffrn_detector.detector                     PIXEL 
_diffrn_detector.diffrn_id                    1 
_diffrn_detector.type                         'DECTRIS EIGER X 9M' 
_diffrn_detector.area_resol_mean              ? 
_diffrn_detector.dtime                        ? 
_diffrn_detector.pdbx_frames_total            ? 
_diffrn_detector.pdbx_collection_time_total   ? 
_diffrn_detector.pdbx_collection_date         2021-10-31 
_diffrn_detector.pdbx_frequency               ? 
# 
_diffrn_radiation.collimation                      ? 
_diffrn_radiation.diffrn_id                        1 
_diffrn_radiation.filter_edge                      ? 
_diffrn_radiation.inhomogeneity                    ? 
_diffrn_radiation.monochromator                    ? 
_diffrn_radiation.polarisn_norm                    ? 
_diffrn_radiation.polarisn_ratio                   ? 
_diffrn_radiation.probe                            ? 
_diffrn_radiation.type                             ? 
_diffrn_radiation.xray_symbol                      ? 
_diffrn_radiation.wavelength_id                    1 
_diffrn_radiation.pdbx_monochromatic_or_laue_m_l   M 
_diffrn_radiation.pdbx_wavelength_list             ? 
_diffrn_radiation.pdbx_wavelength                  ? 
_diffrn_radiation.pdbx_diffrn_protocol             'SINGLE WAVELENGTH' 
_diffrn_radiation.pdbx_analyzer                    ? 
_diffrn_radiation.pdbx_scattering_type             x-ray 
# 
_diffrn_radiation_wavelength.id           1 
_diffrn_radiation_wavelength.wavelength   1.000 
_diffrn_radiation_wavelength.wt           1.0 
# 
_diffrn_source.current                     ? 
_diffrn_source.details                     ? 
_diffrn_source.diffrn_id                   1 
_diffrn_source.power                       ? 
_diffrn_source.size                        ? 
_diffrn_source.source                      SYNCHROTRON 
_diffrn_source.target                      ? 
_diffrn_source.type                        'PAL/PLS BEAMLINE 5C (4A)' 
_diffrn_source.voltage                     ? 
_diffrn_source.take-off_angle              ? 
_diffrn_source.pdbx_wavelength_list        1.000 
_diffrn_source.pdbx_wavelength             ? 
_diffrn_source.pdbx_synchrotron_beamline   '5C (4A)' 
_diffrn_source.pdbx_synchrotron_site       PAL/PLS 
# 
_reflns.B_iso_Wilson_estimate                          22.00 
_reflns.entry_id                                       7YHR 
_reflns.data_reduction_details                         ? 
_reflns.data_reduction_method                          ? 
_reflns.d_resolution_high                              1.45 
_reflns.d_resolution_low                               23.49 
_reflns.details                                        ? 
_reflns.limit_h_max                                    ? 
_reflns.limit_h_min                                    ? 
_reflns.limit_k_max                                    ? 
_reflns.limit_k_min                                    ? 
_reflns.limit_l_max                                    ? 
_reflns.limit_l_min                                    ? 
_reflns.number_all                                     ? 
_reflns.number_obs                                     12804 
_reflns.observed_criterion                             ? 
_reflns.observed_criterion_F_max                       ? 
_reflns.observed_criterion_F_min                       ? 
_reflns.observed_criterion_I_max                       ? 
_reflns.observed_criterion_I_min                       ? 
_reflns.observed_criterion_sigma_F                     ? 
_reflns.observed_criterion_sigma_I                     ? 
_reflns.percent_possible_obs                           99.88 
_reflns.R_free_details                                 ? 
_reflns.Rmerge_F_all                                   ? 
_reflns.Rmerge_F_obs                                   ? 
_reflns.Friedel_coverage                               ? 
_reflns.number_gt                                      ? 
_reflns.threshold_expression                           ? 
_reflns.pdbx_redundancy                                20.4 
_reflns.pdbx_Rmerge_I_obs                              0.08486 
_reflns.pdbx_Rmerge_I_all                              ? 
_reflns.pdbx_Rsym_value                                ? 
_reflns.pdbx_netI_over_av_sigmaI                       ? 
_reflns.pdbx_netI_over_sigmaI                          19.51 
_reflns.pdbx_res_netI_over_av_sigmaI_2                 ? 
_reflns.pdbx_res_netI_over_sigmaI_2                    ? 
_reflns.pdbx_chi_squared                               ? 
_reflns.pdbx_scaling_rejects                           ? 
_reflns.pdbx_d_res_high_opt                            ? 
_reflns.pdbx_d_res_low_opt                             ? 
_reflns.pdbx_d_res_opt_method                          ? 
_reflns.phase_calculation_details                      ? 
_reflns.pdbx_Rrim_I_all                                ? 
_reflns.pdbx_Rpim_I_all                                ? 
_reflns.pdbx_d_opt                                     ? 
_reflns.pdbx_number_measured_all                       ? 
_reflns.pdbx_diffrn_id                                 1 
_reflns.pdbx_ordinal                                   1 
_reflns.pdbx_CC_half                                   ? 
_reflns.pdbx_CC_star                                   ? 
_reflns.pdbx_R_split                                   ? 
_reflns.pdbx_aniso_diffraction_limit_axis_1_ortho[1]   ? 
_reflns.pdbx_aniso_diffraction_limit_axis_1_ortho[2]   ? 
_reflns.pdbx_aniso_diffraction_limit_axis_1_ortho[3]   ? 
_reflns.pdbx_aniso_diffraction_limit_axis_2_ortho[1]   ? 
_reflns.pdbx_aniso_diffraction_limit_axis_2_ortho[2]   ? 
_reflns.pdbx_aniso_diffraction_limit_axis_2_ortho[3]   ? 
_reflns.pdbx_aniso_diffraction_limit_axis_3_ortho[1]   ? 
_reflns.pdbx_aniso_diffraction_limit_axis_3_ortho[2]   ? 
_reflns.pdbx_aniso_diffraction_limit_axis_3_ortho[3]   ? 
_reflns.pdbx_aniso_diffraction_limit_1                 ? 
_reflns.pdbx_aniso_diffraction_limit_2                 ? 
_reflns.pdbx_aniso_diffraction_limit_3                 ? 
_reflns.pdbx_aniso_B_tensor_eigenvector_1_ortho[1]     ? 
_reflns.pdbx_aniso_B_tensor_eigenvector_1_ortho[2]     ? 
_reflns.pdbx_aniso_B_tensor_eigenvector_1_ortho[3]     ? 
_reflns.pdbx_aniso_B_tensor_eigenvector_2_ortho[1]     ? 
_reflns.pdbx_aniso_B_tensor_eigenvector_2_ortho[2]     ? 
_reflns.pdbx_aniso_B_tensor_eigenvector_2_ortho[3]     ? 
_reflns.pdbx_aniso_B_tensor_eigenvector_3_ortho[1]     ? 
_reflns.pdbx_aniso_B_tensor_eigenvector_3_ortho[2]     ? 
_reflns.pdbx_aniso_B_tensor_eigenvector_3_ortho[3]     ? 
_reflns.pdbx_aniso_B_tensor_eigenvalue_1               ? 
_reflns.pdbx_aniso_B_tensor_eigenvalue_2               ? 
_reflns.pdbx_aniso_B_tensor_eigenvalue_3               ? 
_reflns.pdbx_orthogonalization_convention              ? 
_reflns.pdbx_percent_possible_ellipsoidal              ? 
_reflns.pdbx_percent_possible_spherical                ? 
_reflns.pdbx_percent_possible_ellipsoidal_anomalous    ? 
_reflns.pdbx_percent_possible_spherical_anomalous      ? 
_reflns.pdbx_redundancy_anomalous                      ? 
_reflns.pdbx_CC_half_anomalous                         ? 
_reflns.pdbx_absDiff_over_sigma_anomalous              ? 
_reflns.pdbx_percent_possible_anomalous                ? 
_reflns.pdbx_observed_signal_threshold                 ? 
_reflns.pdbx_signal_type                               ? 
_reflns.pdbx_signal_details                            ? 
_reflns.pdbx_signal_software_id                        ? 
_reflns.pdbx_CC_split_method                           ? 
# 
_reflns_shell.d_res_high                                    1.45 
_reflns_shell.d_res_low                                     1.502 
_reflns_shell.meanI_over_sigI_all                           ? 
_reflns_shell.meanI_over_sigI_obs                           ? 
_reflns_shell.number_measured_all                           ? 
_reflns_shell.number_measured_obs                           ? 
_reflns_shell.number_possible                               ? 
_reflns_shell.number_unique_all                             ? 
_reflns_shell.number_unique_obs                             1274 
_reflns_shell.percent_possible_all                          ? 
_reflns_shell.percent_possible_obs                          ? 
_reflns_shell.Rmerge_F_all                                  ? 
_reflns_shell.Rmerge_F_obs                                  ? 
_reflns_shell.Rmerge_I_all                                  ? 
_reflns_shell.Rmerge_I_obs                                  2.248 
_reflns_shell.meanI_over_sigI_gt                            ? 
_reflns_shell.meanI_over_uI_all                             ? 
_reflns_shell.meanI_over_uI_gt                              ? 
_reflns_shell.number_measured_gt                            ? 
_reflns_shell.number_unique_gt                              ? 
_reflns_shell.percent_possible_gt                           ? 
_reflns_shell.Rmerge_F_gt                                   ? 
_reflns_shell.Rmerge_I_gt                                   ? 
_reflns_shell.pdbx_redundancy                               ? 
_reflns_shell.pdbx_Rsym_value                               ? 
_reflns_shell.pdbx_chi_squared                              ? 
_reflns_shell.pdbx_netI_over_sigmaI_all                     ? 
_reflns_shell.pdbx_netI_over_sigmaI_obs                     ? 
_reflns_shell.pdbx_Rrim_I_all                               ? 
_reflns_shell.pdbx_Rpim_I_all                               ? 
_reflns_shell.pdbx_rejects                                  ? 
_reflns_shell.pdbx_ordinal                                  1 
_reflns_shell.pdbx_diffrn_id                                1 
_reflns_shell.pdbx_CC_half                                  ? 
_reflns_shell.pdbx_CC_star                                  ? 
_reflns_shell.pdbx_R_split                                  ? 
_reflns_shell.pdbx_percent_possible_ellipsoidal             ? 
_reflns_shell.pdbx_percent_possible_spherical               ? 
_reflns_shell.pdbx_percent_possible_ellipsoidal_anomalous   ? 
_reflns_shell.pdbx_percent_possible_spherical_anomalous     ? 
_reflns_shell.pdbx_redundancy_anomalous                     ? 
_reflns_shell.pdbx_CC_half_anomalous                        ? 
_reflns_shell.pdbx_absDiff_over_sigma_anomalous             ? 
_reflns_shell.pdbx_percent_possible_anomalous               ? 
# 
_refine.aniso_B[1][1]                            ? 
_refine.aniso_B[1][2]                            ? 
_refine.aniso_B[1][3]                            ? 
_refine.aniso_B[2][2]                            ? 
_refine.aniso_B[2][3]                            ? 
_refine.aniso_B[3][3]                            ? 
_refine.B_iso_max                                ? 
_refine.B_iso_mean                               26.72 
_refine.B_iso_min                                ? 
_refine.correlation_coeff_Fo_to_Fc               ? 
_refine.correlation_coeff_Fo_to_Fc_free          ? 
_refine.details                                  ? 
_refine.diff_density_max                         ? 
_refine.diff_density_max_esd                     ? 
_refine.diff_density_min                         ? 
_refine.diff_density_min_esd                     ? 
_refine.diff_density_rms                         ? 
_refine.diff_density_rms_esd                     ? 
_refine.entry_id                                 7YHR 
_refine.pdbx_refine_id                           'X-RAY DIFFRACTION' 
_refine.ls_abs_structure_details                 ? 
_refine.ls_abs_structure_Flack                   ? 
_refine.ls_abs_structure_Flack_esd               ? 
_refine.ls_abs_structure_Rogers                  ? 
_refine.ls_abs_structure_Rogers_esd              ? 
_refine.ls_d_res_high                            1.45 
_refine.ls_d_res_low                             23.49 
_refine.ls_extinction_coef                       ? 
_refine.ls_extinction_coef_esd                   ? 
_refine.ls_extinction_expression                 ? 
_refine.ls_extinction_method                     ? 
_refine.ls_goodness_of_fit_all                   ? 
_refine.ls_goodness_of_fit_all_esd               ? 
_refine.ls_goodness_of_fit_obs                   ? 
_refine.ls_goodness_of_fit_obs_esd               ? 
_refine.ls_hydrogen_treatment                    ? 
_refine.ls_matrix_type                           ? 
_refine.ls_number_constraints                    ? 
_refine.ls_number_parameters                     ? 
_refine.ls_number_reflns_all                     ? 
_refine.ls_number_reflns_obs                     12799 
_refine.ls_number_reflns_R_free                  641 
_refine.ls_number_reflns_R_work                  12158 
_refine.ls_number_restraints                     ? 
_refine.ls_percent_reflns_obs                    99.91 
_refine.ls_percent_reflns_R_free                 5.01 
_refine.ls_R_factor_all                          ? 
_refine.ls_R_factor_obs                          0.2115 
_refine.ls_R_factor_R_free                       0.2308 
_refine.ls_R_factor_R_free_error                 ? 
_refine.ls_R_factor_R_free_error_details         ? 
_refine.ls_R_factor_R_work                       0.2103 
_refine.ls_R_Fsqd_factor_obs                     ? 
_refine.ls_R_I_factor_obs                        ? 
_refine.ls_redundancy_reflns_all                 ? 
_refine.ls_redundancy_reflns_obs                 ? 
_refine.ls_restrained_S_all                      ? 
_refine.ls_restrained_S_obs                      ? 
_refine.ls_shift_over_esd_max                    ? 
_refine.ls_shift_over_esd_mean                   ? 
_refine.ls_structure_factor_coef                 ? 
_refine.ls_weighting_details                     ? 
_refine.ls_weighting_scheme                      ? 
_refine.ls_wR_factor_all                         ? 
_refine.ls_wR_factor_obs                         ? 
_refine.ls_wR_factor_R_free                      ? 
_refine.ls_wR_factor_R_work                      ? 
_refine.occupancy_max                            ? 
_refine.occupancy_min                            ? 
_refine.solvent_model_details                    'FLAT BULK SOLVENT MODEL' 
_refine.solvent_model_param_bsol                 ? 
_refine.solvent_model_param_ksol                 ? 
_refine.pdbx_R_complete                          ? 
_refine.ls_R_factor_gt                           ? 
_refine.ls_goodness_of_fit_gt                    ? 
_refine.ls_goodness_of_fit_ref                   ? 
_refine.ls_shift_over_su_max                     ? 
_refine.ls_shift_over_su_max_lt                  ? 
_refine.ls_shift_over_su_mean                    ? 
_refine.ls_shift_over_su_mean_lt                 ? 
_refine.pdbx_ls_sigma_I                          ? 
_refine.pdbx_ls_sigma_F                          1.35 
_refine.pdbx_ls_sigma_Fsqd                       ? 
_refine.pdbx_data_cutoff_high_absF               ? 
_refine.pdbx_data_cutoff_high_rms_absF           ? 
_refine.pdbx_data_cutoff_low_absF                ? 
_refine.pdbx_isotropic_thermal_model             ? 
_refine.pdbx_ls_cross_valid_method               'FREE R-VALUE' 
_refine.pdbx_method_to_determine_struct          'MOLECULAR REPLACEMENT' 
_refine.pdbx_starting_model                      5gm6 
_refine.pdbx_stereochemistry_target_values       'GeoStd + Monomer Library + CDL v1.2' 
_refine.pdbx_R_Free_selection_details            ? 
_refine.pdbx_stereochem_target_val_spec_case     ? 
_refine.pdbx_overall_ESU_R                       ? 
_refine.pdbx_overall_ESU_R_Free                  ? 
_refine.pdbx_solvent_vdw_probe_radii             1.1100 
_refine.pdbx_solvent_ion_probe_radii             ? 
_refine.pdbx_solvent_shrinkage_radii             0.9000 
_refine.pdbx_real_space_R                        ? 
_refine.pdbx_density_correlation                 ? 
_refine.pdbx_pd_number_of_powder_patterns        ? 
_refine.pdbx_pd_number_of_points                 ? 
_refine.pdbx_pd_meas_number_of_points            ? 
_refine.pdbx_pd_proc_ls_prof_R_factor            ? 
_refine.pdbx_pd_proc_ls_prof_wR_factor           ? 
_refine.pdbx_pd_Marquardt_correlation_coeff      ? 
_refine.pdbx_pd_Fsqrd_R_factor                   ? 
_refine.pdbx_pd_ls_matrix_band_width             ? 
_refine.pdbx_overall_phase_error                 30.7223 
_refine.pdbx_overall_SU_R_free_Cruickshank_DPI   ? 
_refine.pdbx_overall_SU_R_free_Blow_DPI          ? 
_refine.pdbx_overall_SU_R_Blow_DPI               ? 
_refine.pdbx_TLS_residual_ADP_flag               ? 
_refine.pdbx_diffrn_id                           1 
_refine.overall_SU_B                             ? 
_refine.overall_SU_ML                            0.1860 
_refine.overall_SU_R_Cruickshank_DPI             ? 
_refine.overall_SU_R_free                        ? 
_refine.overall_FOM_free_R_set                   ? 
_refine.overall_FOM_work_R_set                   ? 
_refine.pdbx_average_fsc_overall                 ? 
_refine.pdbx_average_fsc_work                    ? 
_refine.pdbx_average_fsc_free                    ? 
# 
_refine_hist.pdbx_refine_id                   'X-RAY DIFFRACTION' 
_refine_hist.cycle_id                         LAST 
_refine_hist.details                          ? 
_refine_hist.d_res_high                       1.45 
_refine_hist.d_res_low                        23.49 
_refine_hist.number_atoms_solvent             53 
_refine_hist.number_atoms_total               524 
_refine_hist.number_reflns_all                ? 
_refine_hist.number_reflns_obs                ? 
_refine_hist.number_reflns_R_free             ? 
_refine_hist.number_reflns_R_work             ? 
_refine_hist.R_factor_all                     ? 
_refine_hist.R_factor_obs                     ? 
_refine_hist.R_factor_R_free                  ? 
_refine_hist.R_factor_R_work                  ? 
_refine_hist.pdbx_number_residues_total       ? 
_refine_hist.pdbx_B_iso_mean_ligand           ? 
_refine_hist.pdbx_B_iso_mean_solvent          ? 
_refine_hist.pdbx_number_atoms_protein        471 
_refine_hist.pdbx_number_atoms_nucleic_acid   0 
_refine_hist.pdbx_number_atoms_ligand         0 
_refine_hist.pdbx_number_atoms_lipid          ? 
_refine_hist.pdbx_number_atoms_carb           ? 
_refine_hist.pdbx_pseudo_atom_details         ? 
# 
loop_
_refine_ls_restr.pdbx_refine_id 
_refine_ls_restr.criterion 
_refine_ls_restr.dev_ideal 
_refine_ls_restr.dev_ideal_target 
_refine_ls_restr.number 
_refine_ls_restr.rejects 
_refine_ls_restr.type 
_refine_ls_restr.weight 
_refine_ls_restr.pdbx_restraint_function 
'X-RAY DIFFRACTION' ? 0.0070 ? 479 ? f_bond_d           ? ? 
'X-RAY DIFFRACTION' ? 0.8211 ? 648 ? f_angle_d          ? ? 
'X-RAY DIFFRACTION' ? 0.0667 ? 69  ? f_chiral_restr     ? ? 
'X-RAY DIFFRACTION' ? 0.0058 ? 89  ? f_plane_restr      ? ? 
'X-RAY DIFFRACTION' ? 4.9124 ? 60  ? f_dihedral_angle_d ? ? 
# 
loop_
_refine_ls_shell.pdbx_refine_id 
_refine_ls_shell.d_res_high 
_refine_ls_shell.d_res_low 
_refine_ls_shell.number_reflns_all 
_refine_ls_shell.number_reflns_obs 
_refine_ls_shell.number_reflns_R_free 
_refine_ls_shell.number_reflns_R_work 
_refine_ls_shell.percent_reflns_obs 
_refine_ls_shell.percent_reflns_R_free 
_refine_ls_shell.R_factor_all 
_refine_ls_shell.R_factor_obs 
_refine_ls_shell.R_factor_R_free 
_refine_ls_shell.R_factor_R_free_error 
_refine_ls_shell.R_factor_R_work 
_refine_ls_shell.redundancy_reflns_all 
_refine_ls_shell.redundancy_reflns_obs 
_refine_ls_shell.wR_factor_all 
_refine_ls_shell.wR_factor_obs 
_refine_ls_shell.wR_factor_R_free 
_refine_ls_shell.wR_factor_R_work 
_refine_ls_shell.pdbx_R_complete 
_refine_ls_shell.pdbx_total_number_of_bins_used 
_refine_ls_shell.pdbx_phase_error 
_refine_ls_shell.pdbx_fsc_work 
_refine_ls_shell.pdbx_fsc_free 
'X-RAY DIFFRACTION' 1.45 1.56  . . 127 2415 99.73  . . . 0.3673 . 0.3283 . . . . . . . . . . . 
'X-RAY DIFFRACTION' 1.56 1.72  . . 128 2418 99.88  . . . 0.3019 . 0.2422 . . . . . . . . . . . 
'X-RAY DIFFRACTION' 1.72 1.97  . . 127 2422 99.96  . . . 0.2373 . 0.2251 . . . . . . . . . . . 
'X-RAY DIFFRACTION' 1.97 2.48  . . 129 2439 99.96  . . . 0.2301 . 0.2172 . . . . . . . . . . . 
'X-RAY DIFFRACTION' 2.48 23.49 . . 130 2464 100.00 . . . 0.2117 . 0.1914 . . . . . . . . . . . 
# 
_struct.entry_id                     7YHR 
_struct.title                        'Anti-CRISPR protein AcrIC5' 
_struct.pdbx_model_details           ? 
_struct.pdbx_formula_weight          ? 
_struct.pdbx_formula_weight_method   ? 
_struct.pdbx_model_type_details      ? 
_struct.pdbx_CASP_flag               N 
# 
_struct_keywords.entry_id        7YHR 
_struct_keywords.text            'AcrIC5, Immune system, Inhibitor, Anti-CRISPR' 
_struct_keywords.pdbx_keywords   'IMMUNE SYSTEM' 
# 
loop_
_struct_asym.id 
_struct_asym.pdbx_blank_PDB_chainid_flag 
_struct_asym.pdbx_modified 
_struct_asym.entity_id 
_struct_asym.details 
A N N 1 ? 
B N N 2 ? 
# 
_struct_ref.id                         1 
_struct_ref.db_name                    UNP 
_struct_ref.db_code                    A0A239N0M2_9PSED 
_struct_ref.pdbx_db_accession          A0A239N0M2 
_struct_ref.pdbx_db_isoform            ? 
_struct_ref.entity_id                  1 
_struct_ref.pdbx_seq_one_letter_code   MSKVTLNGQQIDFDAAVNLMDAELREELHSAQEWTNDQEFLDAYVQAHAAKFDGEEFQVA 
_struct_ref.pdbx_align_begin           1 
# 
_struct_ref_seq.align_id                      1 
_struct_ref_seq.ref_id                        1 
_struct_ref_seq.pdbx_PDB_id_code              7YHR 
_struct_ref_seq.pdbx_strand_id                A 
_struct_ref_seq.seq_align_beg                 1 
_struct_ref_seq.pdbx_seq_align_beg_ins_code   ? 
_struct_ref_seq.seq_align_end                 60 
_struct_ref_seq.pdbx_seq_align_end_ins_code   ? 
_struct_ref_seq.pdbx_db_accession             A0A239N0M2 
_struct_ref_seq.db_align_beg                  1 
_struct_ref_seq.pdbx_db_align_beg_ins_code    ? 
_struct_ref_seq.db_align_end                  60 
_struct_ref_seq.pdbx_db_align_end_ins_code    ? 
_struct_ref_seq.pdbx_auth_seq_align_beg       1 
_struct_ref_seq.pdbx_auth_seq_align_end       60 
# 
_pdbx_struct_assembly.id                   1 
_pdbx_struct_assembly.details              author_defined_assembly 
_pdbx_struct_assembly.method_details       ? 
_pdbx_struct_assembly.oligomeric_details   monomeric 
_pdbx_struct_assembly.oligomeric_count     1 
# 
_pdbx_struct_assembly_gen.assembly_id       1 
_pdbx_struct_assembly_gen.oper_expression   1 
_pdbx_struct_assembly_gen.asym_id_list      A,B 
# 
_pdbx_struct_assembly_auth_evidence.id                     1 
_pdbx_struct_assembly_auth_evidence.assembly_id            1 
_pdbx_struct_assembly_auth_evidence.experimental_support   'light scattering' 
_pdbx_struct_assembly_auth_evidence.details                ? 
# 
_pdbx_struct_oper_list.id                   1 
_pdbx_struct_oper_list.type                 'identity operation' 
_pdbx_struct_oper_list.name                 1_555 
_pdbx_struct_oper_list.symmetry_operation   x,y,z 
_pdbx_struct_oper_list.matrix[1][1]         1.0000000000 
_pdbx_struct_oper_list.matrix[1][2]         0.0000000000 
_pdbx_struct_oper_list.matrix[1][3]         0.0000000000 
_pdbx_struct_oper_list.vector[1]            0.0000000000 
_pdbx_struct_oper_list.matrix[2][1]         0.0000000000 
_pdbx_struct_oper_list.matrix[2][2]         1.0000000000 
_pdbx_struct_oper_list.matrix[2][3]         0.0000000000 
_pdbx_struct_oper_list.vector[2]            0.0000000000 
_pdbx_struct_oper_list.matrix[3][1]         0.0000000000 
_pdbx_struct_oper_list.matrix[3][2]         0.0000000000 
_pdbx_struct_oper_list.matrix[3][3]         1.0000000000 
_pdbx_struct_oper_list.vector[3]            0.0000000000 
# 
loop_
_struct_conf.conf_type_id 
_struct_conf.id 
_struct_conf.pdbx_PDB_helix_id 
_struct_conf.beg_label_comp_id 
_struct_conf.beg_label_asym_id 
_struct_conf.beg_label_seq_id 
_struct_conf.pdbx_beg_PDB_ins_code 
_struct_conf.end_label_comp_id 
_struct_conf.end_label_asym_id 
_struct_conf.end_label_seq_id 
_struct_conf.pdbx_end_PDB_ins_code 
_struct_conf.beg_auth_comp_id 
_struct_conf.beg_auth_asym_id 
_struct_conf.beg_auth_seq_id 
_struct_conf.end_auth_comp_id 
_struct_conf.end_auth_asym_id 
_struct_conf.end_auth_seq_id 
_struct_conf.pdbx_PDB_helix_class 
_struct_conf.details 
_struct_conf.pdbx_PDB_helix_length 
HELX_P HELX_P1 AA1 PHE A 13 ? MET A 20 ? PHE A 13 MET A 20 1 ? 8  
HELX_P HELX_P2 AA2 ASP A 21 ? GLN A 32 ? ASP A 21 GLN A 32 1 ? 12 
HELX_P HELX_P3 AA3 ASN A 36 ? PHE A 52 ? ASN A 36 PHE A 52 1 ? 17 
# 
_struct_conf_type.id          HELX_P 
_struct_conf_type.criteria    ? 
_struct_conf_type.reference   ? 
# 
_struct_sheet.id               AA1 
_struct_sheet.type             ? 
_struct_sheet.number_strands   2 
_struct_sheet.details          ? 
# 
_struct_sheet_order.sheet_id     AA1 
_struct_sheet_order.range_id_1   1 
_struct_sheet_order.range_id_2   2 
_struct_sheet_order.offset       ? 
_struct_sheet_order.sense        anti-parallel 
# 
loop_
_struct_sheet_range.sheet_id 
_struct_sheet_range.id 
_struct_sheet_range.beg_label_comp_id 
_struct_sheet_range.beg_label_asym_id 
_struct_sheet_range.beg_label_seq_id 
_struct_sheet_range.pdbx_beg_PDB_ins_code 
_struct_sheet_range.end_label_comp_id 
_struct_sheet_range.end_label_asym_id 
_struct_sheet_range.end_label_seq_id 
_struct_sheet_range.pdbx_end_PDB_ins_code 
_struct_sheet_range.beg_auth_comp_id 
_struct_sheet_range.beg_auth_asym_id 
_struct_sheet_range.beg_auth_seq_id 
_struct_sheet_range.end_auth_comp_id 
_struct_sheet_range.end_auth_asym_id 
_struct_sheet_range.end_auth_seq_id 
AA1 1 LYS A 3 ? LEU A 6  ? LYS A 3 LEU A 6  
AA1 2 GLN A 9 ? ASP A 12 ? GLN A 9 ASP A 12 
# 
_pdbx_struct_sheet_hbond.sheet_id                AA1 
_pdbx_struct_sheet_hbond.range_id_1              1 
_pdbx_struct_sheet_hbond.range_id_2              2 
_pdbx_struct_sheet_hbond.range_1_label_atom_id   N 
_pdbx_struct_sheet_hbond.range_1_label_comp_id   VAL 
_pdbx_struct_sheet_hbond.range_1_label_asym_id   A 
_pdbx_struct_sheet_hbond.range_1_label_seq_id    4 
_pdbx_struct_sheet_hbond.range_1_PDB_ins_code    ? 
_pdbx_struct_sheet_hbond.range_1_auth_atom_id    N 
_pdbx_struct_sheet_hbond.range_1_auth_comp_id    VAL 
_pdbx_struct_sheet_hbond.range_1_auth_asym_id    A 
_pdbx_struct_sheet_hbond.range_1_auth_seq_id     4 
_pdbx_struct_sheet_hbond.range_2_label_atom_id   O 
_pdbx_struct_sheet_hbond.range_2_label_comp_id   ILE 
_pdbx_struct_sheet_hbond.range_2_label_asym_id   A 
_pdbx_struct_sheet_hbond.range_2_label_seq_id    11 
_pdbx_struct_sheet_hbond.range_2_PDB_ins_code    ? 
_pdbx_struct_sheet_hbond.range_2_auth_atom_id    O 
_pdbx_struct_sheet_hbond.range_2_auth_comp_id    ILE 
_pdbx_struct_sheet_hbond.range_2_auth_asym_id    A 
_pdbx_struct_sheet_hbond.range_2_auth_seq_id     11 
# 
loop_
_pdbx_validate_close_contact.id 
_pdbx_validate_close_contact.PDB_model_num 
_pdbx_validate_close_contact.auth_atom_id_1 
_pdbx_validate_close_contact.auth_asym_id_1 
_pdbx_validate_close_contact.auth_comp_id_1 
_pdbx_validate_close_contact.auth_seq_id_1 
_pdbx_validate_close_contact.PDB_ins_code_1 
_pdbx_validate_close_contact.label_alt_id_1 
_pdbx_validate_close_contact.auth_atom_id_2 
_pdbx_validate_close_contact.auth_asym_id_2 
_pdbx_validate_close_contact.auth_comp_id_2 
_pdbx_validate_close_contact.auth_seq_id_2 
_pdbx_validate_close_contact.PDB_ins_code_2 
_pdbx_validate_close_contact.label_alt_id_2 
_pdbx_validate_close_contact.dist 
1 1 O   A HOH 122 ? ? O A HOH 150 ? ? 2.14 
2 1 OD2 A ASP 53  ? ? O A HOH 101 ? ? 2.15 
3 1 OE2 A GLU 27  ? ? O A HOH 102 ? ? 2.16 
# 
_pdbx_validate_symm_contact.id                1 
_pdbx_validate_symm_contact.PDB_model_num     1 
_pdbx_validate_symm_contact.auth_atom_id_1    O 
_pdbx_validate_symm_contact.auth_asym_id_1    A 
_pdbx_validate_symm_contact.auth_comp_id_1    HOH 
_pdbx_validate_symm_contact.auth_seq_id_1     110 
_pdbx_validate_symm_contact.PDB_ins_code_1    ? 
_pdbx_validate_symm_contact.label_alt_id_1    ? 
_pdbx_validate_symm_contact.site_symmetry_1   1_555 
_pdbx_validate_symm_contact.auth_atom_id_2    O 
_pdbx_validate_symm_contact.auth_asym_id_2    A 
_pdbx_validate_symm_contact.auth_comp_id_2    HOH 
_pdbx_validate_symm_contact.auth_seq_id_2     136 
_pdbx_validate_symm_contact.PDB_ins_code_2    ? 
_pdbx_validate_symm_contact.label_alt_id_2    ? 
_pdbx_validate_symm_contact.site_symmetry_2   5_554 
_pdbx_validate_symm_contact.dist              1.86 
# 
loop_
_space_group_symop.id 
_space_group_symop.operation_xyz 
1 x,y,z         
2 x-y,x,z+1/6   
3 y,-x+y,z+5/6  
4 -y,x-y,z+1/3  
5 -x+y,-x,z+2/3 
6 -x,-y,z+1/2   
# 
_pdbx_unobs_or_zero_occ_residues.id               1 
_pdbx_unobs_or_zero_occ_residues.PDB_model_num    1 
_pdbx_unobs_or_zero_occ_residues.polymer_flag     Y 
_pdbx_unobs_or_zero_occ_residues.occupancy_flag   1 
_pdbx_unobs_or_zero_occ_residues.auth_asym_id     A 
_pdbx_unobs_or_zero_occ_residues.auth_comp_id     MET 
_pdbx_unobs_or_zero_occ_residues.auth_seq_id      1 
_pdbx_unobs_or_zero_occ_residues.PDB_ins_code     ? 
_pdbx_unobs_or_zero_occ_residues.label_asym_id    A 
_pdbx_unobs_or_zero_occ_residues.label_comp_id    MET 
_pdbx_unobs_or_zero_occ_residues.label_seq_id     1 
# 
loop_
_chem_comp_atom.comp_id 
_chem_comp_atom.atom_id 
_chem_comp_atom.type_symbol 
_chem_comp_atom.pdbx_aromatic_flag 
_chem_comp_atom.pdbx_stereo_config 
_chem_comp_atom.pdbx_ordinal 
ALA N    N N N 1   
ALA CA   C N S 2   
ALA C    C N N 3   
ALA O    O N N 4   
ALA CB   C N N 5   
ALA OXT  O N N 6   
ALA H    H N N 7   
ALA H2   H N N 8   
ALA HA   H N N 9   
ALA HB1  H N N 10  
ALA HB2  H N N 11  
ALA HB3  H N N 12  
ALA HXT  H N N 13  
ARG N    N N N 14  
ARG CA   C N S 15  
ARG C    C N N 16  
ARG O    O N N 17  
ARG CB   C N N 18  
ARG CG   C N N 19  
ARG CD   C N N 20  
ARG NE   N N N 21  
ARG CZ   C N N 22  
ARG NH1  N N N 23  
ARG NH2  N N N 24  
ARG OXT  O N N 25  
ARG H    H N N 26  
ARG H2   H N N 27  
ARG HA   H N N 28  
ARG HB2  H N N 29  
ARG HB3  H N N 30  
ARG HG2  H N N 31  
ARG HG3  H N N 32  
ARG HD2  H N N 33  
ARG HD3  H N N 34  
ARG HE   H N N 35  
ARG HH11 H N N 36  
ARG HH12 H N N 37  
ARG HH21 H N N 38  
ARG HH22 H N N 39  
ARG HXT  H N N 40  
ASN N    N N N 41  
ASN CA   C N S 42  
ASN C    C N N 43  
ASN O    O N N 44  
ASN CB   C N N 45  
ASN CG   C N N 46  
ASN OD1  O N N 47  
ASN ND2  N N N 48  
ASN OXT  O N N 49  
ASN H    H N N 50  
ASN H2   H N N 51  
ASN HA   H N N 52  
ASN HB2  H N N 53  
ASN HB3  H N N 54  
ASN HD21 H N N 55  
ASN HD22 H N N 56  
ASN HXT  H N N 57  
ASP N    N N N 58  
ASP CA   C N S 59  
ASP C    C N N 60  
ASP O    O N N 61  
ASP CB   C N N 62  
ASP CG   C N N 63  
ASP OD1  O N N 64  
ASP OD2  O N N 65  
ASP OXT  O N N 66  
ASP H    H N N 67  
ASP H2   H N N 68  
ASP HA   H N N 69  
ASP HB2  H N N 70  
ASP HB3  H N N 71  
ASP HD2  H N N 72  
ASP HXT  H N N 73  
GLN N    N N N 74  
GLN CA   C N S 75  
GLN C    C N N 76  
GLN O    O N N 77  
GLN CB   C N N 78  
GLN CG   C N N 79  
GLN CD   C N N 80  
GLN OE1  O N N 81  
GLN NE2  N N N 82  
GLN OXT  O N N 83  
GLN H    H N N 84  
GLN H2   H N N 85  
GLN HA   H N N 86  
GLN HB2  H N N 87  
GLN HB3  H N N 88  
GLN HG2  H N N 89  
GLN HG3  H N N 90  
GLN HE21 H N N 91  
GLN HE22 H N N 92  
GLN HXT  H N N 93  
GLU N    N N N 94  
GLU CA   C N S 95  
GLU C    C N N 96  
GLU O    O N N 97  
GLU CB   C N N 98  
GLU CG   C N N 99  
GLU CD   C N N 100 
GLU OE1  O N N 101 
GLU OE2  O N N 102 
GLU OXT  O N N 103 
GLU H    H N N 104 
GLU H2   H N N 105 
GLU HA   H N N 106 
GLU HB2  H N N 107 
GLU HB3  H N N 108 
GLU HG2  H N N 109 
GLU HG3  H N N 110 
GLU HE2  H N N 111 
GLU HXT  H N N 112 
GLY N    N N N 113 
GLY CA   C N N 114 
GLY C    C N N 115 
GLY O    O N N 116 
GLY OXT  O N N 117 
GLY H    H N N 118 
GLY H2   H N N 119 
GLY HA2  H N N 120 
GLY HA3  H N N 121 
GLY HXT  H N N 122 
HIS N    N N N 123 
HIS CA   C N S 124 
HIS C    C N N 125 
HIS O    O N N 126 
HIS CB   C N N 127 
HIS CG   C Y N 128 
HIS ND1  N Y N 129 
HIS CD2  C Y N 130 
HIS CE1  C Y N 131 
HIS NE2  N Y N 132 
HIS OXT  O N N 133 
HIS H    H N N 134 
HIS H2   H N N 135 
HIS HA   H N N 136 
HIS HB2  H N N 137 
HIS HB3  H N N 138 
HIS HD1  H N N 139 
HIS HD2  H N N 140 
HIS HE1  H N N 141 
HIS HE2  H N N 142 
HIS HXT  H N N 143 
HOH O    O N N 144 
HOH H1   H N N 145 
HOH H2   H N N 146 
ILE N    N N N 147 
ILE CA   C N S 148 
ILE C    C N N 149 
ILE O    O N N 150 
ILE CB   C N S 151 
ILE CG1  C N N 152 
ILE CG2  C N N 153 
ILE CD1  C N N 154 
ILE OXT  O N N 155 
ILE H    H N N 156 
ILE H2   H N N 157 
ILE HA   H N N 158 
ILE HB   H N N 159 
ILE HG12 H N N 160 
ILE HG13 H N N 161 
ILE HG21 H N N 162 
ILE HG22 H N N 163 
ILE HG23 H N N 164 
ILE HD11 H N N 165 
ILE HD12 H N N 166 
ILE HD13 H N N 167 
ILE HXT  H N N 168 
LEU N    N N N 169 
LEU CA   C N S 170 
LEU C    C N N 171 
LEU O    O N N 172 
LEU CB   C N N 173 
LEU CG   C N N 174 
LEU CD1  C N N 175 
LEU CD2  C N N 176 
LEU OXT  O N N 177 
LEU H    H N N 178 
LEU H2   H N N 179 
LEU HA   H N N 180 
LEU HB2  H N N 181 
LEU HB3  H N N 182 
LEU HG   H N N 183 
LEU HD11 H N N 184 
LEU HD12 H N N 185 
LEU HD13 H N N 186 
LEU HD21 H N N 187 
LEU HD22 H N N 188 
LEU HD23 H N N 189 
LEU HXT  H N N 190 
LYS N    N N N 191 
LYS CA   C N S 192 
LYS C    C N N 193 
LYS O    O N N 194 
LYS CB   C N N 195 
LYS CG   C N N 196 
LYS CD   C N N 197 
LYS CE   C N N 198 
LYS NZ   N N N 199 
LYS OXT  O N N 200 
LYS H    H N N 201 
LYS H2   H N N 202 
LYS HA   H N N 203 
LYS HB2  H N N 204 
LYS HB3  H N N 205 
LYS HG2  H N N 206 
LYS HG3  H N N 207 
LYS HD2  H N N 208 
LYS HD3  H N N 209 
LYS HE2  H N N 210 
LYS HE3  H N N 211 
LYS HZ1  H N N 212 
LYS HZ2  H N N 213 
LYS HZ3  H N N 214 
LYS HXT  H N N 215 
MET N    N N N 216 
MET CA   C N S 217 
MET C    C N N 218 
MET O    O N N 219 
MET CB   C N N 220 
MET CG   C N N 221 
MET SD   S N N 222 
MET CE   C N N 223 
MET OXT  O N N 224 
MET H    H N N 225 
MET H2   H N N 226 
MET HA   H N N 227 
MET HB2  H N N 228 
MET HB3  H N N 229 
MET HG2  H N N 230 
MET HG3  H N N 231 
MET HE1  H N N 232 
MET HE2  H N N 233 
MET HE3  H N N 234 
MET HXT  H N N 235 
PHE N    N N N 236 
PHE CA   C N S 237 
PHE C    C N N 238 
PHE O    O N N 239 
PHE CB   C N N 240 
PHE CG   C Y N 241 
PHE CD1  C Y N 242 
PHE CD2  C Y N 243 
PHE CE1  C Y N 244 
PHE CE2  C Y N 245 
PHE CZ   C Y N 246 
PHE OXT  O N N 247 
PHE H    H N N 248 
PHE H2   H N N 249 
PHE HA   H N N 250 
PHE HB2  H N N 251 
PHE HB3  H N N 252 
PHE HD1  H N N 253 
PHE HD2  H N N 254 
PHE HE1  H N N 255 
PHE HE2  H N N 256 
PHE HZ   H N N 257 
PHE HXT  H N N 258 
SER N    N N N 259 
SER CA   C N S 260 
SER C    C N N 261 
SER O    O N N 262 
SER CB   C N N 263 
SER OG   O N N 264 
SER OXT  O N N 265 
SER H    H N N 266 
SER H2   H N N 267 
SER HA   H N N 268 
SER HB2  H N N 269 
SER HB3  H N N 270 
SER HG   H N N 271 
SER HXT  H N N 272 
THR N    N N N 273 
THR CA   C N S 274 
THR C    C N N 275 
THR O    O N N 276 
THR CB   C N R 277 
THR OG1  O N N 278 
THR CG2  C N N 279 
THR OXT  O N N 280 
THR H    H N N 281 
THR H2   H N N 282 
THR HA   H N N 283 
THR HB   H N N 284 
THR HG1  H N N 285 
THR HG21 H N N 286 
THR HG22 H N N 287 
THR HG23 H N N 288 
THR HXT  H N N 289 
TRP N    N N N 290 
TRP CA   C N S 291 
TRP C    C N N 292 
TRP O    O N N 293 
TRP CB   C N N 294 
TRP CG   C Y N 295 
TRP CD1  C Y N 296 
TRP CD2  C Y N 297 
TRP NE1  N Y N 298 
TRP CE2  C Y N 299 
TRP CE3  C Y N 300 
TRP CZ2  C Y N 301 
TRP CZ3  C Y N 302 
TRP CH2  C Y N 303 
TRP OXT  O N N 304 
TRP H    H N N 305 
TRP H2   H N N 306 
TRP HA   H N N 307 
TRP HB2  H N N 308 
TRP HB3  H N N 309 
TRP HD1  H N N 310 
TRP HE1  H N N 311 
TRP HE3  H N N 312 
TRP HZ2  H N N 313 
TRP HZ3  H N N 314 
TRP HH2  H N N 315 
TRP HXT  H N N 316 
TYR N    N N N 317 
TYR CA   C N S 318 
TYR C    C N N 319 
TYR O    O N N 320 
TYR CB   C N N 321 
TYR CG   C Y N 322 
TYR CD1  C Y N 323 
TYR CD2  C Y N 324 
TYR CE1  C Y N 325 
TYR CE2  C Y N 326 
TYR CZ   C Y N 327 
TYR OH   O N N 328 
TYR OXT  O N N 329 
TYR H    H N N 330 
TYR H2   H N N 331 
TYR HA   H N N 332 
TYR HB2  H N N 333 
TYR HB3  H N N 334 
TYR HD1  H N N 335 
TYR HD2  H N N 336 
TYR HE1  H N N 337 
TYR HE2  H N N 338 
TYR HH   H N N 339 
TYR HXT  H N N 340 
VAL N    N N N 341 
VAL CA   C N S 342 
VAL C    C N N 343 
VAL O    O N N 344 
VAL CB   C N N 345 
VAL CG1  C N N 346 
VAL CG2  C N N 347 
VAL OXT  O N N 348 
VAL H    H N N 349 
VAL H2   H N N 350 
VAL HA   H N N 351 
VAL HB   H N N 352 
VAL HG11 H N N 353 
VAL HG12 H N N 354 
VAL HG13 H N N 355 
VAL HG21 H N N 356 
VAL HG22 H N N 357 
VAL HG23 H N N 358 
VAL HXT  H N N 359 
# 
loop_
_chem_comp_bond.comp_id 
_chem_comp_bond.atom_id_1 
_chem_comp_bond.atom_id_2 
_chem_comp_bond.value_order 
_chem_comp_bond.pdbx_aromatic_flag 
_chem_comp_bond.pdbx_stereo_config 
_chem_comp_bond.pdbx_ordinal 
ALA N   CA   sing N N 1   
ALA N   H    sing N N 2   
ALA N   H2   sing N N 3   
ALA CA  C    sing N N 4   
ALA CA  CB   sing N N 5   
ALA CA  HA   sing N N 6   
ALA C   O    doub N N 7   
ALA C   OXT  sing N N 8   
ALA CB  HB1  sing N N 9   
ALA CB  HB2  sing N N 10  
ALA CB  HB3  sing N N 11  
ALA OXT HXT  sing N N 12  
ARG N   CA   sing N N 13  
ARG N   H    sing N N 14  
ARG N   H2   sing N N 15  
ARG CA  C    sing N N 16  
ARG CA  CB   sing N N 17  
ARG CA  HA   sing N N 18  
ARG C   O    doub N N 19  
ARG C   OXT  sing N N 20  
ARG CB  CG   sing N N 21  
ARG CB  HB2  sing N N 22  
ARG CB  HB3  sing N N 23  
ARG CG  CD   sing N N 24  
ARG CG  HG2  sing N N 25  
ARG CG  HG3  sing N N 26  
ARG CD  NE   sing N N 27  
ARG CD  HD2  sing N N 28  
ARG CD  HD3  sing N N 29  
ARG NE  CZ   sing N N 30  
ARG NE  HE   sing N N 31  
ARG CZ  NH1  sing N N 32  
ARG CZ  NH2  doub N N 33  
ARG NH1 HH11 sing N N 34  
ARG NH1 HH12 sing N N 35  
ARG NH2 HH21 sing N N 36  
ARG NH2 HH22 sing N N 37  
ARG OXT HXT  sing N N 38  
ASN N   CA   sing N N 39  
ASN N   H    sing N N 40  
ASN N   H2   sing N N 41  
ASN CA  C    sing N N 42  
ASN CA  CB   sing N N 43  
ASN CA  HA   sing N N 44  
ASN C   O    doub N N 45  
ASN C   OXT  sing N N 46  
ASN CB  CG   sing N N 47  
ASN CB  HB2  sing N N 48  
ASN CB  HB3  sing N N 49  
ASN CG  OD1  doub N N 50  
ASN CG  ND2  sing N N 51  
ASN ND2 HD21 sing N N 52  
ASN ND2 HD22 sing N N 53  
ASN OXT HXT  sing N N 54  
ASP N   CA   sing N N 55  
ASP N   H    sing N N 56  
ASP N   H2   sing N N 57  
ASP CA  C    sing N N 58  
ASP CA  CB   sing N N 59  
ASP CA  HA   sing N N 60  
ASP C   O    doub N N 61  
ASP C   OXT  sing N N 62  
ASP CB  CG   sing N N 63  
ASP CB  HB2  sing N N 64  
ASP CB  HB3  sing N N 65  
ASP CG  OD1  doub N N 66  
ASP CG  OD2  sing N N 67  
ASP OD2 HD2  sing N N 68  
ASP OXT HXT  sing N N 69  
GLN N   CA   sing N N 70  
GLN N   H    sing N N 71  
GLN N   H2   sing N N 72  
GLN CA  C    sing N N 73  
GLN CA  CB   sing N N 74  
GLN CA  HA   sing N N 75  
GLN C   O    doub N N 76  
GLN C   OXT  sing N N 77  
GLN CB  CG   sing N N 78  
GLN CB  HB2  sing N N 79  
GLN CB  HB3  sing N N 80  
GLN CG  CD   sing N N 81  
GLN CG  HG2  sing N N 82  
GLN CG  HG3  sing N N 83  
GLN CD  OE1  doub N N 84  
GLN CD  NE2  sing N N 85  
GLN NE2 HE21 sing N N 86  
GLN NE2 HE22 sing N N 87  
GLN OXT HXT  sing N N 88  
GLU N   CA   sing N N 89  
GLU N   H    sing N N 90  
GLU N   H2   sing N N 91  
GLU CA  C    sing N N 92  
GLU CA  CB   sing N N 93  
GLU CA  HA   sing N N 94  
GLU C   O    doub N N 95  
GLU C   OXT  sing N N 96  
GLU CB  CG   sing N N 97  
GLU CB  HB2  sing N N 98  
GLU CB  HB3  sing N N 99  
GLU CG  CD   sing N N 100 
GLU CG  HG2  sing N N 101 
GLU CG  HG3  sing N N 102 
GLU CD  OE1  doub N N 103 
GLU CD  OE2  sing N N 104 
GLU OE2 HE2  sing N N 105 
GLU OXT HXT  sing N N 106 
GLY N   CA   sing N N 107 
GLY N   H    sing N N 108 
GLY N   H2   sing N N 109 
GLY CA  C    sing N N 110 
GLY CA  HA2  sing N N 111 
GLY CA  HA3  sing N N 112 
GLY C   O    doub N N 113 
GLY C   OXT  sing N N 114 
GLY OXT HXT  sing N N 115 
HIS N   CA   sing N N 116 
HIS N   H    sing N N 117 
HIS N   H2   sing N N 118 
HIS CA  C    sing N N 119 
HIS CA  CB   sing N N 120 
HIS CA  HA   sing N N 121 
HIS C   O    doub N N 122 
HIS C   OXT  sing N N 123 
HIS CB  CG   sing N N 124 
HIS CB  HB2  sing N N 125 
HIS CB  HB3  sing N N 126 
HIS CG  ND1  sing Y N 127 
HIS CG  CD2  doub Y N 128 
HIS ND1 CE1  doub Y N 129 
HIS ND1 HD1  sing N N 130 
HIS CD2 NE2  sing Y N 131 
HIS CD2 HD2  sing N N 132 
HIS CE1 NE2  sing Y N 133 
HIS CE1 HE1  sing N N 134 
HIS NE2 HE2  sing N N 135 
HIS OXT HXT  sing N N 136 
HOH O   H1   sing N N 137 
HOH O   H2   sing N N 138 
ILE N   CA   sing N N 139 
ILE N   H    sing N N 140 
ILE N   H2   sing N N 141 
ILE CA  C    sing N N 142 
ILE CA  CB   sing N N 143 
ILE CA  HA   sing N N 144 
ILE C   O    doub N N 145 
ILE C   OXT  sing N N 146 
ILE CB  CG1  sing N N 147 
ILE CB  CG2  sing N N 148 
ILE CB  HB   sing N N 149 
ILE CG1 CD1  sing N N 150 
ILE CG1 HG12 sing N N 151 
ILE CG1 HG13 sing N N 152 
ILE CG2 HG21 sing N N 153 
ILE CG2 HG22 sing N N 154 
ILE CG2 HG23 sing N N 155 
ILE CD1 HD11 sing N N 156 
ILE CD1 HD12 sing N N 157 
ILE CD1 HD13 sing N N 158 
ILE OXT HXT  sing N N 159 
LEU N   CA   sing N N 160 
LEU N   H    sing N N 161 
LEU N   H2   sing N N 162 
LEU CA  C    sing N N 163 
LEU CA  CB   sing N N 164 
LEU CA  HA   sing N N 165 
LEU C   O    doub N N 166 
LEU C   OXT  sing N N 167 
LEU CB  CG   sing N N 168 
LEU CB  HB2  sing N N 169 
LEU CB  HB3  sing N N 170 
LEU CG  CD1  sing N N 171 
LEU CG  CD2  sing N N 172 
LEU CG  HG   sing N N 173 
LEU CD1 HD11 sing N N 174 
LEU CD1 HD12 sing N N 175 
LEU CD1 HD13 sing N N 176 
LEU CD2 HD21 sing N N 177 
LEU CD2 HD22 sing N N 178 
LEU CD2 HD23 sing N N 179 
LEU OXT HXT  sing N N 180 
LYS N   CA   sing N N 181 
LYS N   H    sing N N 182 
LYS N   H2   sing N N 183 
LYS CA  C    sing N N 184 
LYS CA  CB   sing N N 185 
LYS CA  HA   sing N N 186 
LYS C   O    doub N N 187 
LYS C   OXT  sing N N 188 
LYS CB  CG   sing N N 189 
LYS CB  HB2  sing N N 190 
LYS CB  HB3  sing N N 191 
LYS CG  CD   sing N N 192 
LYS CG  HG2  sing N N 193 
LYS CG  HG3  sing N N 194 
LYS CD  CE   sing N N 195 
LYS CD  HD2  sing N N 196 
LYS CD  HD3  sing N N 197 
LYS CE  NZ   sing N N 198 
LYS CE  HE2  sing N N 199 
LYS CE  HE3  sing N N 200 
LYS NZ  HZ1  sing N N 201 
LYS NZ  HZ2  sing N N 202 
LYS NZ  HZ3  sing N N 203 
LYS OXT HXT  sing N N 204 
MET N   CA   sing N N 205 
MET N   H    sing N N 206 
MET N   H2   sing N N 207 
MET CA  C    sing N N 208 
MET CA  CB   sing N N 209 
MET CA  HA   sing N N 210 
MET C   O    doub N N 211 
MET C   OXT  sing N N 212 
MET CB  CG   sing N N 213 
MET CB  HB2  sing N N 214 
MET CB  HB3  sing N N 215 
MET CG  SD   sing N N 216 
MET CG  HG2  sing N N 217 
MET CG  HG3  sing N N 218 
MET SD  CE   sing N N 219 
MET CE  HE1  sing N N 220 
MET CE  HE2  sing N N 221 
MET CE  HE3  sing N N 222 
MET OXT HXT  sing N N 223 
PHE N   CA   sing N N 224 
PHE N   H    sing N N 225 
PHE N   H2   sing N N 226 
PHE CA  C    sing N N 227 
PHE CA  CB   sing N N 228 
PHE CA  HA   sing N N 229 
PHE C   O    doub N N 230 
PHE C   OXT  sing N N 231 
PHE CB  CG   sing N N 232 
PHE CB  HB2  sing N N 233 
PHE CB  HB3  sing N N 234 
PHE CG  CD1  doub Y N 235 
PHE CG  CD2  sing Y N 236 
PHE CD1 CE1  sing Y N 237 
PHE CD1 HD1  sing N N 238 
PHE CD2 CE2  doub Y N 239 
PHE CD2 HD2  sing N N 240 
PHE CE1 CZ   doub Y N 241 
PHE CE1 HE1  sing N N 242 
PHE CE2 CZ   sing Y N 243 
PHE CE2 HE2  sing N N 244 
PHE CZ  HZ   sing N N 245 
PHE OXT HXT  sing N N 246 
SER N   CA   sing N N 247 
SER N   H    sing N N 248 
SER N   H2   sing N N 249 
SER CA  C    sing N N 250 
SER CA  CB   sing N N 251 
SER CA  HA   sing N N 252 
SER C   O    doub N N 253 
SER C   OXT  sing N N 254 
SER CB  OG   sing N N 255 
SER CB  HB2  sing N N 256 
SER CB  HB3  sing N N 257 
SER OG  HG   sing N N 258 
SER OXT HXT  sing N N 259 
THR N   CA   sing N N 260 
THR N   H    sing N N 261 
THR N   H2   sing N N 262 
THR CA  C    sing N N 263 
THR CA  CB   sing N N 264 
THR CA  HA   sing N N 265 
THR C   O    doub N N 266 
THR C   OXT  sing N N 267 
THR CB  OG1  sing N N 268 
THR CB  CG2  sing N N 269 
THR CB  HB   sing N N 270 
THR OG1 HG1  sing N N 271 
THR CG2 HG21 sing N N 272 
THR CG2 HG22 sing N N 273 
THR CG2 HG23 sing N N 274 
THR OXT HXT  sing N N 275 
TRP N   CA   sing N N 276 
TRP N   H    sing N N 277 
TRP N   H2   sing N N 278 
TRP CA  C    sing N N 279 
TRP CA  CB   sing N N 280 
TRP CA  HA   sing N N 281 
TRP C   O    doub N N 282 
TRP C   OXT  sing N N 283 
TRP CB  CG   sing N N 284 
TRP CB  HB2  sing N N 285 
TRP CB  HB3  sing N N 286 
TRP CG  CD1  doub Y N 287 
TRP CG  CD2  sing Y N 288 
TRP CD1 NE1  sing Y N 289 
TRP CD1 HD1  sing N N 290 
TRP CD2 CE2  doub Y N 291 
TRP CD2 CE3  sing Y N 292 
TRP NE1 CE2  sing Y N 293 
TRP NE1 HE1  sing N N 294 
TRP CE2 CZ2  sing Y N 295 
TRP CE3 CZ3  doub Y N 296 
TRP CE3 HE3  sing N N 297 
TRP CZ2 CH2  doub Y N 298 
TRP CZ2 HZ2  sing N N 299 
TRP CZ3 CH2  sing Y N 300 
TRP CZ3 HZ3  sing N N 301 
TRP CH2 HH2  sing N N 302 
TRP OXT HXT  sing N N 303 
TYR N   CA   sing N N 304 
TYR N   H    sing N N 305 
TYR N   H2   sing N N 306 
TYR CA  C    sing N N 307 
TYR CA  CB   sing N N 308 
TYR CA  HA   sing N N 309 
TYR C   O    doub N N 310 
TYR C   OXT  sing N N 311 
TYR CB  CG   sing N N 312 
TYR CB  HB2  sing N N 313 
TYR CB  HB3  sing N N 314 
TYR CG  CD1  doub Y N 315 
TYR CG  CD2  sing Y N 316 
TYR CD1 CE1  sing Y N 317 
TYR CD1 HD1  sing N N 318 
TYR CD2 CE2  doub Y N 319 
TYR CD2 HD2  sing N N 320 
TYR CE1 CZ   doub Y N 321 
TYR CE1 HE1  sing N N 322 
TYR CE2 CZ   sing Y N 323 
TYR CE2 HE2  sing N N 324 
TYR CZ  OH   sing N N 325 
TYR OH  HH   sing N N 326 
TYR OXT HXT  sing N N 327 
VAL N   CA   sing N N 328 
VAL N   H    sing N N 329 
VAL N   H2   sing N N 330 
VAL CA  C    sing N N 331 
VAL CA  CB   sing N N 332 
VAL CA  HA   sing N N 333 
VAL C   O    doub N N 334 
VAL C   OXT  sing N N 335 
VAL CB  CG1  sing N N 336 
VAL CB  CG2  sing N N 337 
VAL CB  HB   sing N N 338 
VAL CG1 HG11 sing N N 339 
VAL CG1 HG12 sing N N 340 
VAL CG1 HG13 sing N N 341 
VAL CG2 HG21 sing N N 342 
VAL CG2 HG22 sing N N 343 
VAL CG2 HG23 sing N N 344 
VAL OXT HXT  sing N N 345 
# 
_pdbx_audit_support.funding_organization   'National Research Foundation (NRF, Korea)' 
_pdbx_audit_support.country                'Korea, Republic Of' 
_pdbx_audit_support.grant_number           ? 
_pdbx_audit_support.ordinal                1 
# 
_pdbx_initial_refinement_model.id               1 
_pdbx_initial_refinement_model.entity_id_list   ? 
_pdbx_initial_refinement_model.type             'experimental model' 
_pdbx_initial_refinement_model.source_name      PDB 
_pdbx_initial_refinement_model.accession_code   5GM6 
_pdbx_initial_refinement_model.details          ? 
# 
_space_group.name_H-M_alt     'P 61' 
_space_group.name_Hall        'P 61' 
_space_group.IT_number        169 
_space_group.crystal_system   hexagonal 
_space_group.id               1 
# 
_atom_sites.entry_id                    7YHR 
_atom_sites.Cartn_transf_matrix[1][1]   ? 
_atom_sites.Cartn_transf_matrix[1][2]   ? 
_atom_sites.Cartn_transf_matrix[1][3]   ? 
_atom_sites.Cartn_transf_matrix[2][1]   ? 
_atom_sites.Cartn_transf_matrix[2][2]   ? 
_atom_sites.Cartn_transf_matrix[2][3]   ? 
_atom_sites.Cartn_transf_matrix[3][1]   ? 
_atom_sites.Cartn_transf_matrix[3][2]   ? 
_atom_sites.Cartn_transf_matrix[3][3]   ? 
_atom_sites.Cartn_transf_vector[1]      ? 
_atom_sites.Cartn_transf_vector[2]      ? 
_atom_sites.Cartn_transf_vector[3]      ? 
_atom_sites.fract_transf_matrix[1][1]   -0.00873230 
_atom_sites.fract_transf_matrix[1][2]   0.00777940 
_atom_sites.fract_transf_matrix[1][3]   -0.01778358 
_atom_sites.fract_transf_matrix[2][1]   -0.02114659 
_atom_sites.fract_transf_matrix[2][2]   -0.00014891 
_atom_sites.fract_transf_matrix[2][3]   -0.00241881 
_atom_sites.fract_transf_matrix[3][1]   -0.00127736 
_atom_sites.fract_transf_matrix[3][2]   0.02112201 
_atom_sites.fract_transf_matrix[3][3]   0.00986702 
_atom_sites.fract_transf_vector[1]      0.287866 
_atom_sites.fract_transf_vector[2]      0.469139 
_atom_sites.fract_transf_vector[3]      0.345210 
_atom_sites.solution_primary            ? 
_atom_sites.solution_secondary          ? 
_atom_sites.solution_hydrogens          ? 
_atom_sites.special_details             ? 
# 
loop_
_atom_type.symbol 
_atom_type.scat_dispersion_real 
_atom_type.scat_dispersion_imag 
_atom_type.scat_Cromer_Mann_a1 
_atom_type.scat_Cromer_Mann_a2 
_atom_type.scat_Cromer_Mann_a3 
_atom_type.scat_Cromer_Mann_a4 
_atom_type.scat_Cromer_Mann_b1 
_atom_type.scat_Cromer_Mann_b2 
_atom_type.scat_Cromer_Mann_b3 
_atom_type.scat_Cromer_Mann_b4 
_atom_type.scat_Cromer_Mann_c 
_atom_type.scat_source 
_atom_type.scat_dispersion_source 
C   ? ? 3.54356 2.42580 ? ? 25.62398 1.50364  ? ? 0.0 
;2-Gaussian fit: Grosse-Kunstleve RW, Sauter NK, Adams PD: Newsletter of the IUCr Commission on Crystallographic Computing 2004, 3, 22-31.
;
? 
N   ? ? 4.01032 2.96436 ? ? 19.97189 1.75589  ? ? 0.0 
;2-Gaussian fit: Grosse-Kunstleve RW, Sauter NK, Adams PD: Newsletter of the IUCr Commission on Crystallographic Computing 2004, 3, 22-31.
;
? 
O   ? ? 4.49882 3.47563 ? ? 15.80542 1.70748  ? ? 0.0 
;2-Gaussian fit: Grosse-Kunstleve RW, Sauter NK, Adams PD: Newsletter of the IUCr Commission on Crystallographic Computing 2004, 3, 22-31.
;
? 
O1- ? ? 5.12366 3.84317 ? ? 3.49406  27.47979 ? ? 0.0 
;2-Gaussian fit: Grosse-Kunstleve RW, Sauter NK, Adams PD: Newsletter of the IUCr Commission on Crystallographic Computing 2004, 3, 22-31.
;
? 
S   ? ? 9.55732 6.39887 ? ? 1.23737  29.19336 ? ? 0.0 
;2-Gaussian fit: Grosse-Kunstleve RW, Sauter NK, Adams PD: Newsletter of the IUCr Commission on Crystallographic Computing 2004, 3, 22-31.
;
? 
# 
loop_
_atom_site.group_PDB 
_atom_site.id 
_atom_site.type_symbol 
_atom_site.label_atom_id 
_atom_site.label_alt_id 
_atom_site.label_comp_id 
_atom_site.label_asym_id 
_atom_site.label_entity_id 
_atom_site.label_seq_id 
_atom_site.pdbx_PDB_ins_code 
_atom_site.Cartn_x 
_atom_site.Cartn_y 
_atom_site.Cartn_z 
_atom_site.occupancy 
_atom_site.B_iso_or_equiv 
_atom_site.pdbx_formal_charge 
_atom_site.auth_seq_id 
_atom_site.auth_comp_id 
_atom_site.auth_asym_id 
_atom_site.auth_atom_id 
_atom_site.pdbx_PDB_model_num 
ATOM   1   N N   . SER A 1 2  ? 7.84489   -1.41006  10.64316  1.000 23.44788 ?  2   SER A N   1 
ATOM   2   C CA  . SER A 1 2  ? 6.57214   -1.63479  11.31898  1.000 19.99810 ?  2   SER A CA  1 
ATOM   3   C C   . SER A 1 2  ? 5.89959   -2.85079  10.72770  1.000 19.18083 ?  2   SER A C   1 
ATOM   4   O O   . SER A 1 2  ? 6.30092   -3.32516  9.66095   1.000 18.83419 ?  2   SER A O   1 
ATOM   5   C CB  . SER A 1 2  ? 5.64332   -0.44922  11.12909  1.000 21.69413 ?  2   SER A CB  1 
ATOM   6   O OG  . SER A 1 2  ? 5.28364   -0.32576  9.75645   1.000 23.98315 ?  2   SER A OG  1 
ATOM   7   N N   . LYS A 1 3  ? 4.90057   -3.37812  11.43125  1.000 18.87212 ?  3   LYS A N   1 
ATOM   8   C CA  . LYS A 1 3  ? 3.98003   -4.34040  10.84468  1.000 20.41876 ?  3   LYS A CA  1 
ATOM   9   C C   . LYS A 1 3  ? 2.67099   -3.64109  10.50339  1.000 19.64031 ?  3   LYS A C   1 
ATOM   10  O O   . LYS A 1 3  ? 2.23261   -2.71831  11.20401  1.000 20.89545 ?  3   LYS A O   1 
ATOM   11  C CB  . LYS A 1 3  ? 3.74260   -5.53394  11.77875  1.000 22.38090 ?  3   LYS A CB  1 
ATOM   12  C CG  . LYS A 1 3  ? 4.92246   -6.53489  11.78197  1.000 24.36935 ?  3   LYS A CG  1 
ATOM   13  C CD  . LYS A 1 3  ? 4.57603   -7.81863  12.52090  1.000 30.82215 ?  3   LYS A CD  1 
ATOM   14  C CE  . LYS A 1 3  ? 5.70862   -8.83850  12.44766  1.000 31.95941 ?  3   LYS A CE  1 
ATOM   15  N NZ  . LYS A 1 3  ? 6.49457   -8.64923  11.20199  1.000 32.14423 ?  3   LYS A NZ  1 
ATOM   16  N N   . VAL A 1 4  ? 2.08041   -4.04132  9.38254   1.000 18.50703 ?  4   VAL A N   1 
ATOM   17  C CA  . VAL A 1 4  ? 0.77153   -3.54537  8.97461   1.000 18.27284 ?  4   VAL A CA  1 
ATOM   18  C C   . VAL A 1 4  ? -0.09549  -4.73905  8.62223   1.000 18.82566 ?  4   VAL A C   1 
ATOM   19  O O   . VAL A 1 4  ? 0.40051   -5.82549  8.32636   1.000 20.80572 ?  4   VAL A O   1 
ATOM   20  C CB  . VAL A 1 4  ? 0.85944   -2.58745  7.77278   1.000 18.36727 ?  4   VAL A CB  1 
ATOM   21  C CG1 . VAL A 1 4  ? 1.44451   -1.23903  8.19847   1.000 18.72033 ?  4   VAL A CG1 1 
ATOM   22  C CG2 . VAL A 1 4  ? 1.72128   -3.20189  6.67463   1.000 20.99028 ?  4   VAL A CG2 1 
ATOM   23  N N   . THR A 1 5  ? -1.40921  -4.53299  8.65178   1.000 18.93385 ?  5   THR A N   1 
ATOM   24  C CA  . THR A 1 5  ? -2.34613  -5.61163  8.37894   1.000 19.32652 ?  5   THR A CA  1 
ATOM   25  C C   . THR A 1 5  ? -2.79145  -5.51636  6.92995   1.000 20.26374 ?  5   THR A C   1 
ATOM   26  O O   . THR A 1 5  ? -3.27561  -4.46655  6.49733   1.000 21.19505 ?  5   THR A O   1 
ATOM   27  C CB  . THR A 1 5  ? -3.54059  -5.54683  9.32399   1.000 21.88108 ?  5   THR A CB  1 
ATOM   28  O OG1 . THR A 1 5  ? -3.06607  -5.69708  10.67119  1.000 23.44172 ?  5   THR A OG1 1 
ATOM   29  C CG2 . THR A 1 5  ? -4.51784  -6.66856  9.01845   1.000 24.71205 ?  5   THR A CG2 1 
ATOM   30  N N   . LEU A 1 6  ? -2.59368  -6.59772  6.18232   1.000 18.85737 ?  6   LEU A N   1 
ATOM   31  C CA  . LEU A 1 6  ? -3.04148  -6.68969  4.79414   1.000 20.97141 ?  6   LEU A CA  1 
ATOM   32  C C   . LEU A 1 6  ? -3.79795  -7.99744  4.62855   1.000 23.54266 ?  6   LEU A C   1 
ATOM   33  O O   . LEU A 1 6  ? -3.24718  -9.07707  4.88438   1.000 22.81809 ?  6   LEU A O   1 
ATOM   34  C CB  . LEU A 1 6  ? -1.85278  -6.63834  3.82692   1.000 22.27092 ?  6   LEU A CB  1 
ATOM   35  C CG  . LEU A 1 6  ? -2.23776  -6.80258  2.34880   1.000 23.72595 ?  6   LEU A CG  1 
ATOM   36  C CD1 . LEU A 1 6  ? -3.18888  -5.69253  1.91116   1.000 25.30403 ?  6   LEU A CD1 1 
ATOM   37  C CD2 . LEU A 1 6  ? -0.99243  -6.77438  1.50252   1.000 27.47426 ?  6   LEU A CD2 1 
ATOM   38  N N   . ASN A 1 7  ? -5.05596  -7.90070  4.19758   1.000 23.73211 ?  7   ASN A N   1 
ATOM   39  C CA  . ASN A 1 7  ? -5.88178  -9.09004  3.97487   1.000 26.11330 ?  7   ASN A CA  1 
ATOM   40  C C   . ASN A 1 7  ? -5.84367  -10.02093 5.18576   1.000 23.39929 ?  7   ASN A C   1 
ATOM   41  O O   . ASN A 1 7  ? -5.65176  -11.23573 5.06092   1.000 23.95429 ?  7   ASN A O   1 
ATOM   42  C CB  . ASN A 1 7  ? -5.47137  -9.83348  2.69738   1.000 26.75515 ?  7   ASN A CB  1 
ATOM   43  C CG  . ASN A 1 7  ? -5.47272  -8.93524  1.45774   1.000 31.47351 ?  7   ASN A CG  1 
ATOM   44  O OD1 . ASN A 1 7  ? -4.54651  -8.98355  0.64508   1.000 36.35377 ?  7   ASN A OD1 1 
ATOM   45  N ND2 . ASN A 1 7  ? -6.50135  -8.10452  1.32931   1.000 32.93087 ?  7   ASN A ND2 1 
ATOM   46  N N   . GLY A 1 8  ? -5.95578  -9.43422  6.37177   1.000 22.34939 ?  8   GLY A N   1 
ATOM   47  C CA  . GLY A 1 8  ? -6.06035  -10.19879 7.59228   1.000 23.34192 ?  8   GLY A CA  1 
ATOM   48  C C   . GLY A 1 8  ? -4.76249  -10.73770 8.15780   1.000 22.44481 ?  8   GLY A C   1 
ATOM   49  O O   . GLY A 1 8  ? -4.81153  -11.50090 9.13325   1.000 22.43940 ?  8   GLY A O   1 
ATOM   50  N N   . GLN A 1 9  ? -3.60810  -10.38471 7.59151   1.000 21.26464 ?  9   GLN A N   1 
ATOM   51  C CA  . GLN A 1 9  ? -2.32907  -10.88236 8.08212   1.000 22.58046 ?  9   GLN A CA  1 
ATOM   52  C C   . GLN A 1 9  ? -1.37855  -9.72929  8.37939   1.000 22.71995 ?  9   GLN A C   1 
ATOM   53  O O   . GLN A 1 9  ? -1.32022  -8.75127  7.63130   1.000 20.91045 ?  9   GLN A O   1 
ATOM   54  C CB  . GLN A 1 9  ? -1.70090  -11.80514 7.05731   1.000 26.04846 ?  9   GLN A CB  1 
ATOM   55  C CG  . GLN A 1 9  ? -2.56821  -13.00329 6.76935   1.000 31.43942 ?  9   GLN A CG  1 
ATOM   56  C CD  . GLN A 1 9  ? -1.81511  -14.09741 6.06548   1.000 29.18767 ?  9   GLN A CD  1 
ATOM   57  O OE1 . GLN A 1 9  ? -1.29387  -13.90200 4.96348   1.000 36.25103 ?  9   GLN A OE1 1 
ATOM   58  N NE2 . GLN A 1 9  ? -1.73471  -15.25840 6.70562   1.000 30.63487 ?  9   GLN A NE2 1 
ATOM   59  N N   . GLN A 1 10 ? -0.62036  -9.85466  9.47170   1.000 22.81356 ?  10  GLN A N   1 
ATOM   60  C CA  . GLN A 1 10 ? 0.37795   -8.85423  9.82602   1.000 22.82507 ?  10  GLN A CA  1 
ATOM   61  C C   . GLN A 1 10 ? 1.64361   -9.12029  9.02066   1.000 24.09932 ?  10  GLN A C   1 
ATOM   62  O O   . GLN A 1 10 ? 2.22250   -10.20902 9.11284   1.000 26.50362 ?  10  GLN A O   1 
ATOM   63  C CB  . GLN A 1 10 ? 0.68402   -8.94613  11.32277  1.000 22.78467 ?  10  GLN A CB  1 
ATOM   64  C CG  . GLN A 1 10 ? -0.27383  -8.18120  12.24854  1.000 29.60974 ?  10  GLN A CG  1 
ATOM   65  C CD  . GLN A 1 10 ? 0.36389   -6.90209  12.85011  1.000 31.80566 ?  10  GLN A CD  1 
ATOM   66  O OE1 . GLN A 1 10 ? 1.17024   -6.97701  13.78983  1.000 29.97228 ?  10  GLN A OE1 1 
ATOM   67  N NE2 . GLN A 1 10 ? -0.00436  -5.72891  12.30551  1.000 30.50275 ?  10  GLN A NE2 1 
ATOM   68  N N   . ILE A 1 11 ? 2.07747   -8.13311  8.23896   1.000 22.13687 ?  11  ILE A N   1 
ATOM   69  C CA  . ILE A 1 11 ? 3.24186   -8.24309  7.36980   1.000 22.71798 ?  11  ILE A CA  1 
ATOM   70  C C   . ILE A 1 11 ? 4.17372   -7.05374  7.59092   1.000 24.06082 ?  11  ILE A C   1 
ATOM   71  O O   . ILE A 1 11 ? 3.77906   -6.00219  8.09678   1.000 22.02823 ?  11  ILE A O   1 
ATOM   72  C CB  . ILE A 1 11 ? 2.87207   -8.35157  5.87372   1.000 25.47843 ?  11  ILE A CB  1 
ATOM   73  C CG1 . ILE A 1 11 ? 2.15993   -7.07732  5.43239   1.000 24.45646 ?  11  ILE A CG1 1 
ATOM   74  C CG2 . ILE A 1 11 ? 2.02643   -9.59017  5.60953   1.000 30.05048 ?  11  ILE A CG2 1 
ATOM   75  C CD1 . ILE A 1 11 ? 1.94265   -6.99267  3.94259   1.000 27.57411 ?  11  ILE A CD1 1 
ATOM   76  N N   . ASP A 1 12 ? 5.43920   -7.23733  7.22139   1.000 21.28579 ?  12  ASP A N   1 
ATOM   77  C CA  . ASP A 1 12 ? 6.40953   -6.15392  7.32035   1.000 22.28282 ?  12  ASP A CA  1 
ATOM   78  C C   . ASP A 1 12 ? 6.08266   -5.05759  6.30647   1.000 22.23485 ?  12  ASP A C   1 
ATOM   79  O O   . ASP A 1 12 ? 5.94245   -5.33120  5.11094   1.000 21.51390 ?  12  ASP A O   1 
ATOM   80  C CB  . ASP A 1 12 ? 7.80255   -6.70890  7.03689   1.000 22.18805 ?  12  ASP A CB  1 
ATOM   81  C CG  . ASP A 1 12 ? 8.86604   -5.63425  7.04573   1.000 25.57498 ?  12  ASP A CG  1 
ATOM   82  O OD1 . ASP A 1 12 ? 9.15047   -5.09053  8.13841   1.000 26.95412 ?  12  ASP A OD1 1 
ATOM   83  O OD2 . ASP A 1 12 ? 9.42577   -5.31476  5.96772   1.000 26.68489 -1 12  ASP A OD2 1 
ATOM   84  N N   . PHE A 1 13 ? 6.01364   -3.80408  6.77181   1.000 19.88229 ?  13  PHE A N   1 
ATOM   85  C CA  . PHE A 1 13 ? 5.66436   -2.69268  5.88573   1.000 19.53645 ?  13  PHE A CA  1 
ATOM   86  C C   . PHE A 1 13 ? 6.71849   -2.47154  4.80558   1.000 22.01825 ?  13  PHE A C   1 
ATOM   87  O O   . PHE A 1 13 ? 6.37516   -2.21962  3.64801   1.000 21.21188 ?  13  PHE A O   1 
ATOM   88  C CB  . PHE A 1 13 ? 5.45078   -1.41346  6.70041   1.000 19.04200 ?  13  PHE A CB  1 
ATOM   89  C CG  . PHE A 1 13 ? 5.04790   -0.20180  5.88204   1.000 19.49624 ?  13  PHE A CG  1 
ATOM   90  C CD1 . PHE A 1 13 ? 3.83594   -0.16297  5.21630   1.000 19.53035 ?  13  PHE A CD1 1 
ATOM   91  C CD2 . PHE A 1 13 ? 5.86255   0.91624   5.83719   1.000 20.54694 ?  13  PHE A CD2 1 
ATOM   92  C CE1 . PHE A 1 13 ? 3.46255   0.95897   4.49583   1.000 19.77931 ?  13  PHE A CE1 1 
ATOM   93  C CE2 . PHE A 1 13 ? 5.49208   2.03486   5.12900   1.000 21.29329 ?  13  PHE A CE2 1 
ATOM   94  C CZ  . PHE A 1 13 ? 4.29260   2.05518   4.45500   1.000 21.86844 ?  13  PHE A CZ  1 
ATOM   95  N N   . ASP A 1 14 ? 8.00245   -2.53597  5.15826   1.000 22.50305 ?  14  ASP A N   1 
ATOM   96  C CA  . ASP A 1 14 ? 9.04225   -2.30525  4.15335   1.000 22.41086 ?  14  ASP A CA  1 
ATOM   97  C C   . ASP A 1 14 ? 8.95504   -3.31403  3.01440   1.000 22.89843 ?  14  ASP A C   1 
ATOM   98  O O   . ASP A 1 14 ? 9.15675   -2.95928  1.84005   1.000 23.05134 ?  14  ASP A O   1 
ATOM   99  C CB  . ASP A 1 14 ? 10.41951  -2.37028  4.80744   1.000 25.99291 ?  14  ASP A CB  1 
ATOM   100 C CG  . ASP A 1 14 ? 10.65765  -1.23190  5.76736   1.000 32.05354 ?  14  ASP A CG  1 
ATOM   101 O OD1 . ASP A 1 14 ? 10.25347  -0.08701  5.46487   1.000 34.10063 ?  14  ASP A OD1 1 
ATOM   102 O OD2 . ASP A 1 14 ? 11.24894  -1.49193  6.84155   1.000 36.82354 -1 14  ASP A OD2 1 
ATOM   103 N N   . ALA A 1 15 ? 8.61379   -4.56497  3.33579   1.000 22.04825 ?  15  ALA A N   1 
ATOM   104 C CA  . ALA A 1 15 ? 8.43075   -5.58583  2.30585   1.000 25.31504 ?  15  ALA A CA  1 
ATOM   105 C C   . ALA A 1 15 ? 7.25610   -5.24191  1.39751   1.000 24.40738 ?  15  ALA A C   1 
ATOM   106 O O   . ALA A 1 15 ? 7.34575   -5.35401  0.15594   1.000 25.12399 ?  15  ALA A O   1 
ATOM   107 C CB  . ALA A 1 15 ? 8.19570   -6.93519  2.97556   1.000 26.96466 ?  15  ALA A CB  1 
ATOM   108 N N   . ALA A 1 16 ? 6.13268   -4.82772  2.00304   1.000 21.15974 ?  16  ALA A N   1 
ATOM   109 C CA  . ALA A 1 16 ? 4.97777   -4.39861  1.21655   1.000 21.62256 ?  16  ALA A CA  1 
ATOM   110 C C   . ALA A 1 16 ? 5.34511   -3.25307  0.28767   1.000 22.58095 ?  16  ALA A C   1 
ATOM   111 O O   . ALA A 1 16 ? 5.00953   -3.27187  -0.90436  1.000 19.47814 ?  16  ALA A O   1 
ATOM   112 C CB  . ALA A 1 16 ? 3.82771   -3.97499  2.13397   1.000 21.78841 ?  16  ALA A CB  1 
ATOM   113 N N   . VAL A 1 17 ? 6.04863   -2.25215  0.81771   1.000 20.47370 ?  17  VAL A N   1 
ATOM   114 C CA  . VAL A 1 17 ? 6.46215   -1.10195  0.01229   1.000 20.30412 ?  17  VAL A CA  1 
ATOM   115 C C   . VAL A 1 17 ? 7.32303   -1.55557  -1.15627  1.000 21.90966 ?  17  VAL A C   1 
ATOM   116 O O   . VAL A 1 17 ? 7.19979   -1.03999  -2.27621  1.000 20.29716 ?  17  VAL A O   1 
ATOM   117 C CB  . VAL A 1 17 ? 7.18113   -0.06058  0.89418   1.000 22.50374 ?  17  VAL A CB  1 
ATOM   118 C CG1 . VAL A 1 17 ? 7.81488   1.03519   0.03817   1.000 24.59543 ?  17  VAL A CG1 1 
ATOM   119 C CG2 . VAL A 1 17 ? 6.19554   0.54716   1.90530   1.000 22.68795 ?  17  VAL A CG2 1 
ATOM   120 N N   . ASN A 1 18 ? 8.19178   -2.53861  -0.92218  1.000 20.96626 ?  18  ASN A N   1 
ATOM   121 C CA  . ASN A 1 18 ? 9.03636   -3.03035  -2.00211  1.000 22.73632 ?  18  ASN A CA  1 
ATOM   122 C C   . ASN A 1 18 ? 8.23924   -3.70970  -3.10169  1.000 24.63052 ?  18  ASN A C   1 
ATOM   123 O O   . ASN A 1 18 ? 8.74594   -3.81578  -4.22932  1.000 24.61214 ?  18  ASN A O   1 
ATOM   124 C CB  . ASN A 1 18 ? 10.09811  -3.98414  -1.45062  1.000 25.13571 ?  18  ASN A CB  1 
ATOM   125 C CG  . ASN A 1 18 ? 11.12801  -4.36790  -2.49152  1.000 31.25722 ?  18  ASN A CG  1 
ATOM   126 O OD1 . ASN A 1 18 ? 11.67718  -3.50643  -3.18693  1.000 31.66880 ?  18  ASN A OD1 1 
ATOM   127 N ND2 . ASN A 1 18 ? 11.38662  -5.66876  -2.61749  1.000 32.73833 ?  18  ASN A ND2 1 
ATOM   128 N N   . LEU A 1 19 ? 7.01908   -4.16603  -2.81133  1.000 22.24311 ?  19  LEU A N   1 
ATOM   129 C CA  . LEU A 1 19 ? 6.15932   -4.73967  -3.84089  1.000 22.48291 ?  19  LEU A CA  1 
ATOM   130 C C   . LEU A 1 19 ? 5.18766   -3.73730  -4.47562  1.000 20.63757 ?  19  LEU A C   1 
ATOM   131 O O   . LEU A 1 19 ? 4.46251   -4.11199  -5.40681  1.000 22.30872 ?  19  LEU A O   1 
ATOM   132 C CB  . LEU A 1 19 ? 5.38167   -5.93793  -3.27961  1.000 22.50999 ?  19  LEU A CB  1 
ATOM   133 C CG  . LEU A 1 19 ? 6.27850   -7.10631  -2.85858  1.000 23.00491 ?  19  LEU A CG  1 
ATOM   134 C CD1 . LEU A 1 19 ? 5.49112   -8.06109  -1.97020  1.000 28.88992 ?  19  LEU A CD1 1 
ATOM   135 C CD2 . LEU A 1 19 ? 6.88361   -7.84729  -4.04583  1.000 27.13886 ?  19  LEU A CD2 1 
ATOM   136 N N   . MET A 1 20 ? 5.13506   -2.48976  -4.00563  1.000 19.12219 ?  20  MET A N   1 
ATOM   137 C CA  . MET A 1 20 ? 4.16999   -1.51818  -4.51397  1.000 18.75165 ?  20  MET A CA  1 
ATOM   138 C C   . MET A 1 20 ? 4.60743   -0.94157  -5.85868  1.000 18.98140 ?  20  MET A C   1 
ATOM   139 O O   . MET A 1 20 ? 5.79874   -0.74059  -6.11927  1.000 19.49326 ?  20  MET A O   1 
ATOM   140 C CB  . MET A 1 20 ? 4.01991   -0.34711  -3.54078  1.000 20.40005 ?  20  MET A CB  1 
ATOM   141 C CG  . MET A 1 20 ? 3.26024   -0.68200  -2.24568  1.000 17.71171 ?  20  MET A CG  1 
ATOM   142 S SD  . MET A 1 20 ? 3.36313   0.73512   -1.13297  1.000 19.13013 ?  20  MET A SD  1 
ATOM   143 C CE  . MET A 1 20 ? 2.43712   0.09585   0.28461   1.000 17.52820 ?  20  MET A CE  1 
ATOM   144 N N   . ASP A 1 21 ? 3.62292   -0.66129  -6.71019  1.000 18.25710 ?  21  ASP A N   1 
ATOM   145 C CA  . ASP A 1 21 ? 3.88294   0.07273   -7.94455  1.000 18.30212 ?  21  ASP A CA  1 
ATOM   146 C C   . ASP A 1 21 ? 4.59328   1.39344   -7.63737  1.000 20.03484 ?  21  ASP A C   1 
ATOM   147 O O   . ASP A 1 21 ? 4.16387   2.16337   -6.77160  1.000 18.86029 ?  21  ASP A O   1 
ATOM   148 C CB  . ASP A 1 21 ? 2.53557   0.34143   -8.63488  1.000 19.40790 ?  21  ASP A CB  1 
ATOM   149 C CG  . ASP A 1 21 ? 2.67786   1.14902   -9.91663  1.000 20.07182 ?  21  ASP A CG  1 
ATOM   150 O OD1 . ASP A 1 21 ? 3.16206   0.59181   -10.91711 1.000 22.03013 ?  21  ASP A OD1 1 
ATOM   151 O OD2 . ASP A 1 21 ? 2.28485   2.33478   -9.92997  1.000 18.94907 -1 21  ASP A OD2 1 
ATOM   152 N N   . ALA A 1 22 ? 5.67606   1.67724   -8.38000  1.000 19.81494 ?  22  ALA A N   1 
ATOM   153 C CA  . ALA A 1 22 ? 6.51417   2.82571   -8.04060  1.000 20.23456 ?  22  ALA A CA  1 
ATOM   154 C C   . ALA A 1 22 ? 5.77939   4.14604   -8.24465  1.000 18.82493 ?  22  ALA A C   1 
ATOM   155 O O   . ALA A 1 22 ? 5.86130   5.05403   -7.40186  1.000 19.36326 ?  22  ALA A O   1 
ATOM   156 C CB  . ALA A 1 22 ? 7.76824   2.81334   -8.92182  1.000 20.49188 ?  22  ALA A CB  1 
ATOM   157 N N   . GLU A 1 23 ? 5.07652   4.28495   -9.36388  1.000 18.58764 ?  23  GLU A N   1 
ATOM   158 C CA  . GLU A 1 23 ? 4.37471   5.52747   -9.63113  1.000 21.23867 ?  23  GLU A CA  1 
ATOM   159 C C   . GLU A 1 23 ? 3.31409   5.80359   -8.56731  1.000 20.29083 ?  23  GLU A C   1 
ATOM   160 O O   . GLU A 1 23 ? 3.25434   6.91315   -8.02687  1.000 20.82810 ?  23  GLU A O   1 
ATOM   161 C CB  . GLU A 1 23 ? 3.80152   5.45627   -11.04210 1.000 25.65650 ?  23  GLU A CB  1 
ATOM   162 C CG  . GLU A 1 23 ? 2.92758   6.57430   -11.46426 1.000 29.93143 ?  23  GLU A CG  1 
ATOM   163 C CD  . GLU A 1 23 ? 2.53774   6.39488   -12.92082 1.000 36.43405 ?  23  GLU A CD  1 
ATOM   164 O OE1 . GLU A 1 23 ? 1.42325   5.88712   -13.17843 1.000 40.69321 ?  23  GLU A OE1 1 
ATOM   165 O OE2 . GLU A 1 23 ? 3.36797   6.73812   -13.79676 1.000 43.08989 -1 23  GLU A OE2 1 
ATOM   166 N N   . LEU A 1 24 ? 2.51035   4.79319   -8.21129  1.000 20.84993 ?  24  LEU A N   1 
ATOM   167 C CA  . LEU A 1 24 ? 1.50149   4.99457   -7.17288  1.000 20.01150 ?  24  LEU A CA  1 
ATOM   168 C C   . LEU A 1 24 ? 2.14034   5.29214   -5.82463  1.000 20.08989 ?  24  LEU A C   1 
ATOM   169 O O   . LEU A 1 24 ? 1.66315   6.15725   -5.08218  1.000 20.76739 ?  24  LEU A O   1 
ATOM   170 C CB  . LEU A 1 24 ? 0.61883   3.75247   -7.04608  1.000 20.31977 ?  24  LEU A CB  1 
ATOM   171 C CG  . LEU A 1 24 ? -0.48705  3.52123   -8.05437  1.000 23.16008 ?  24  LEU A CG  1 
ATOM   172 C CD1 . LEU A 1 24 ? -1.18191  2.22418   -7.68012  1.000 18.98343 ?  24  LEU A CD1 1 
ATOM   173 C CD2 . LEU A 1 24 ? -1.47269  4.69084   -8.03479  1.000 25.50960 ?  24  LEU A CD2 1 
ATOM   174 N N   . ARG A 1 25 ? 3.18290   4.54825   -5.45030  1.000 18.28854 ?  25  ARG A N   1 
ATOM   175 C CA  . ARG A 1 25 ? 3.79578   4.79516   -4.15245  1.000 17.76984 ?  25  ARG A CA  1 
ATOM   176 C C   . ARG A 1 25 ? 4.26446   6.24116   -4.03755  1.000 21.52434 ?  25  ARG A C   1 
ATOM   177 O O   . ARG A 1 25 ? 4.03571   6.90236   -3.00757  1.000 19.58491 ?  25  ARG A O   1 
ATOM   178 C CB  . ARG A 1 25 ? 4.94908   3.81320   -3.90650  1.000 20.06289 ?  25  ARG A CB  1 
ATOM   179 C CG  . ARG A 1 25 ? 5.55827   3.94520   -2.52159  1.000 23.43299 ?  25  ARG A CG  1 
ATOM   180 C CD  . ARG A 1 25 ? 6.92532   4.56368   -2.58142  1.000 33.25220 ?  25  ARG A CD  1 
ATOM   181 N NE  . ARG A 1 25 ? 7.90922   3.61091   -3.08885  1.000 35.22553 ?  25  ARG A NE  1 
ATOM   182 C CZ  . ARG A 1 25 ? 8.56427   3.72442   -4.24273  1.000 34.58403 ?  25  ARG A CZ  1 
ATOM   183 N NH1 . ARG A 1 25 ? 8.35425   4.76168   -5.05772  1.000 35.59890 ?  25  ARG A NH1 1 
ATOM   184 N NH2 . ARG A 1 25 ? 9.43199   2.78618   -4.57845  1.000 36.84272 ?  25  ARG A NH2 1 
ATOM   185 N N   . GLU A 1 26 ? 4.91802   6.75878   -5.08569  1.000 20.75781 ?  26  GLU A N   1 
ATOM   186 C CA  . GLU A 1 26 ? 5.38204   8.13713   -5.00069  1.000 20.47590 ?  26  GLU A CA  1 
ATOM   187 C C   . GLU A 1 26 ? 4.23685   9.14065   -5.06075  1.000 22.33641 ?  26  GLU A C   1 
ATOM   188 O O   . GLU A 1 26 ? 4.31692   10.18605  -4.40755  1.000 22.67430 ?  26  GLU A O   1 
ATOM   189 C CB  . GLU A 1 26 ? 6.44858   8.42426   -6.06336  1.000 24.63280 ?  26  GLU A CB  1 
ATOM   190 C CG  . GLU A 1 26 ? 7.81273   7.79888   -5.74078  1.000 31.42001 ?  26  GLU A CG  1 
ATOM   191 C CD  . GLU A 1 26 ? 8.28443   8.04838   -4.30812  1.000 33.31762 ?  26  GLU A CD  1 
ATOM   192 O OE1 . GLU A 1 26 ? 8.51781   9.22640   -3.94639  1.000 39.21960 ?  26  GLU A OE1 1 
ATOM   193 O OE2 . GLU A 1 26 ? 8.43533   7.06097   -3.55543  1.000 35.69588 -1 26  GLU A OE2 1 
ATOM   194 N N   . GLU A 1 27 ? 3.17575   8.85019   -5.81980  1.000 20.77935 ?  27  GLU A N   1 
ATOM   195 C CA  . GLU A 1 27 ? 2.01418   9.74016   -5.83092  1.000 21.39677 ?  27  GLU A CA  1 
ATOM   196 C C   . GLU A 1 27 ? 1.43570   9.88474   -4.42552  1.000 22.80632 ?  27  GLU A C   1 
ATOM   197 O O   . GLU A 1 27 ? 1.22472   11.00182  -3.92606  1.000 22.90357 ?  27  GLU A O   1 
ATOM   198 C CB  . GLU A 1 27 ? 0.94790   9.22804   -6.81599  1.000 20.95718 ?  27  GLU A CB  1 
ATOM   199 C CG  . GLU A 1 27 ? -0.36903  10.03712  -6.77757  1.000 29.63744 ?  27  GLU A CG  1 
ATOM   200 C CD  . GLU A 1 27 ? -1.49901  9.48679   -7.67892  1.000 34.95967 ?  27  GLU A CD  1 
ATOM   201 O OE1 . GLU A 1 27 ? -1.44529  8.31115   -8.11156  1.000 34.06508 ?  27  GLU A OE1 1 
ATOM   202 O OE2 . GLU A 1 27 ? -2.46652  10.24714  -7.94637  1.000 37.56548 -1 27  GLU A OE2 1 
ATOM   203 N N   . LEU A 1 28 ? 1.23053   8.75661   -3.74724  1.000 19.53219 ?  28  LEU A N   1 
ATOM   204 C CA  . LEU A 1 28 ? 0.66745   8.81225   -2.39889  1.000 21.02290 ?  28  LEU A CA  1 
ATOM   205 C C   . LEU A 1 28 ? 1.61270   9.52708   -1.44388  1.000 22.23512 ?  28  LEU A C   1 
ATOM   206 O O   . LEU A 1 28 ? 1.16901   10.32526  -0.60606  1.000 22.71312 ?  28  LEU A O   1 
ATOM   207 C CB  . LEU A 1 28 ? 0.34074   7.40192   -1.90745  1.000 21.90355 ?  28  LEU A CB  1 
ATOM   208 C CG  . LEU A 1 28 ? -1.05021  6.83165   -2.16538  1.000 25.98372 ?  28  LEU A CG  1 
ATOM   209 C CD1 . LEU A 1 28 ? -1.42407  6.81278   -3.65009  1.000 26.16122 ?  28  LEU A CD1 1 
ATOM   210 C CD2 . LEU A 1 28 ? -1.14385  5.44009   -1.56470  1.000 26.81339 ?  28  LEU A CD2 1 
ATOM   211 N N   . HIS A 1 29 ? 2.92479   9.25627   -1.54362  1.000 19.18301 ?  29  HIS A N   1 
ATOM   212 C CA  . HIS A 1 29 ? 3.87214   9.93286   -0.66725  1.000 25.20175 ?  29  HIS A CA  1 
ATOM   213 C C   . HIS A 1 29 ? 3.86513   11.44335  -0.88958  1.000 28.08871 ?  29  HIS A C   1 
ATOM   214 O O   . HIS A 1 29 ? 3.96510   12.21871  0.07204   1.000 28.25800 ?  29  HIS A O   1 
ATOM   215 C CB  . HIS A 1 29 ? 5.27575   9.36234   -0.87103  1.000 25.62810 ?  29  HIS A CB  1 
ATOM   216 C CG  . HIS A 1 29 ? 6.27042   9.84198   0.13611   1.000 34.97369 ?  29  HIS A CG  1 
ATOM   217 N ND1 . HIS A 1 29 ? 7.23050   10.79125  -0.15567  1.000 40.42474 ?  29  HIS A ND1 1 
ATOM   218 C CD2 . HIS A 1 29 ? 6.45735   9.50586   1.43537   1.000 38.02234 ?  29  HIS A CD2 1 
ATOM   219 C CE1 . HIS A 1 29 ? 7.96896   11.01302  0.91749   1.000 39.14815 ?  29  HIS A CE1 1 
ATOM   220 N NE2 . HIS A 1 29 ? 7.52048   10.24607  1.89779   1.000 40.44013 ?  29  HIS A NE2 1 
ATOM   221 N N   . SER A 1 30 ? 3.73622   11.88338  -2.14712  1.000 24.96816 ?  30  SER A N   1 
ATOM   222 C CA  . SER A 1 30 ? 3.79606   13.30845  -2.44538  1.000 27.45806 ?  30  SER A CA  1 
ATOM   223 C C   . SER A 1 30 ? 2.49799   14.03272  -2.13077  1.000 28.96909 ?  30  SER A C   1 
ATOM   224 O O   . SER A 1 30 ? 2.51774   15.25632  -1.95477  1.000 26.17493 ?  30  SER A O   1 
ATOM   225 C CB  . SER A 1 30 ? 4.12793   13.51995  -3.92053  1.000 30.83384 ?  30  SER A CB  1 
ATOM   226 O OG  . SER A 1 30 ? 5.44510   13.09008  -4.20110  1.000 36.38624 ?  30  SER A OG  1 
ATOM   227 N N   . ALA A 1 31 ? 1.38069   13.30896  -2.04319  1.000 23.79633 ?  31  ALA A N   1 
ATOM   228 C CA  . ALA A 1 31 ? 0.07731   13.96603  -2.00499  1.000 23.72143 ?  31  ALA A CA  1 
ATOM   229 C C   . ALA A 1 31 ? -0.28079  14.51611  -0.63149  1.000 28.14453 ?  31  ALA A C   1 
ATOM   230 O O   . ALA A 1 31 ? -1.03618  15.49418  -0.54762  1.000 27.82213 ?  31  ALA A O   1 
ATOM   231 C CB  . ALA A 1 31 ? -1.00036  12.98632  -2.46522  1.000 22.98573 ?  31  ALA A CB  1 
ATOM   232 N N   . GLN A 1 32 ? 0.21511   13.91262  0.44668   1.000 26.82940 ?  32  GLN A N   1 
ATOM   233 C CA  . GLN A 1 32 ? -0.26564  14.26835  1.77498   1.000 27.06201 ?  32  GLN A CA  1 
ATOM   234 C C   . GLN A 1 32 ? 0.65586   13.67625  2.82976   1.000 29.41442 ?  32  GLN A C   1 
ATOM   235 O O   . GLN A 1 32 ? 1.54142   12.86659  2.54103   1.000 28.25371 ?  32  GLN A O   1 
ATOM   236 C CB  . GLN A 1 32 ? -1.68631  13.74389  1.98830   1.000 30.17680 ?  32  GLN A CB  1 
ATOM   237 C CG  . GLN A 1 32 ? -1.78440  12.23149  1.88990   1.000 26.16821 ?  32  GLN A CG  1 
ATOM   238 C CD  . GLN A 1 32 ? -3.14322  11.72207  2.28961   1.000 28.28039 ?  32  GLN A CD  1 
ATOM   239 O OE1 . GLN A 1 32 ? -4.10318  11.82009  1.52981   1.000 26.65815 ?  32  GLN A OE1 1 
ATOM   240 N NE2 . GLN A 1 32 ? -3.24344  11.19460  3.49667   1.000 25.81330 ?  32  GLN A NE2 1 
ATOM   241 N N   . GLU A 1 33 ? 0.43058   14.11322  4.06381   1.000 29.85361 ?  33  GLU A N   1 
ATOM   242 C CA  . GLU A 1 33 ? 1.02058   13.51245  5.24688   1.000 30.53965 ?  33  GLU A CA  1 
ATOM   243 C C   . GLU A 1 33 ? 0.22454   12.26407  5.60228   1.000 28.29589 ?  33  GLU A C   1 
ATOM   244 O O   . GLU A 1 33 ? -0.97794  12.16901  5.33081   1.000 29.90096 ?  33  GLU A O   1 
ATOM   245 C CB  . GLU A 1 33 ? 0.89583   14.50177  6.40579   1.000 35.51855 ?  33  GLU A CB  1 
ATOM   246 C CG  . GLU A 1 33 ? -0.57575  14.82796  6.71035   1.000 40.01401 ?  33  GLU A CG  1 
ATOM   247 C CD  . GLU A 1 33 ? -0.78718  16.06223  7.57194   1.000 48.89873 ?  33  GLU A CD  1 
ATOM   248 O OE1 . GLU A 1 33 ? -1.83550  16.73024  7.39228   1.000 51.67836 ?  33  GLU A OE1 1 
ATOM   249 O OE2 . GLU A 1 33 ? 0.07974   16.35398  8.42949   1.000 52.23823 -1 33  GLU A OE2 1 
ATOM   250 N N   . TRP A 1 34 ? 0.90068   11.29632  6.21130   1.000 27.81611 ?  34  TRP A N   1 
ATOM   251 C CA  . TRP A 1 34 ? 0.26871   10.04574  6.59817   1.000 25.71972 ?  34  TRP A CA  1 
ATOM   252 C C   . TRP A 1 34 ? 0.38185   9.87300   8.10550   1.000 26.54504 ?  34  TRP A C   1 
ATOM   253 O O   . TRP A 1 34 ? 1.46888   10.03220  8.66792   1.000 29.78224 ?  34  TRP A O   1 
ATOM   254 C CB  . TRP A 1 34 ? 0.90379   8.87294   5.84500   1.000 26.33140 ?  34  TRP A CB  1 
ATOM   255 C CG  . TRP A 1 34 ? 0.65149   9.00263   4.37667   1.000 24.73137 ?  34  TRP A CG  1 
ATOM   256 C CD1 . TRP A 1 34 ? 1.49148   9.52762   3.44778   1.000 25.18103 ?  34  TRP A CD1 1 
ATOM   257 C CD2 . TRP A 1 34 ? -0.55012  8.64461   3.68868   1.000 22.67865 ?  34  TRP A CD2 1 
ATOM   258 N NE1 . TRP A 1 34 ? 0.89971   9.49750   2.20458   1.000 22.58981 ?  34  TRP A NE1 1 
ATOM   259 C CE2 . TRP A 1 34 ? -0.36285  8.97355   2.32922   1.000 22.87392 ?  34  TRP A CE2 1 
ATOM   260 C CE3 . TRP A 1 34 ? -1.75974  8.07903   4.08959   1.000 22.86140 ?  34  TRP A CE3 1 
ATOM   261 C CZ2 . TRP A 1 34 ? -1.33735  8.73756   1.36936   1.000 20.35590 ?  34  TRP A CZ2 1 
ATOM   262 C CZ3 . TRP A 1 34 ? -2.73305  7.84850   3.14250   1.000 22.30228 ?  34  TRP A CZ3 1 
ATOM   263 C CH2 . TRP A 1 34 ? -2.51661  8.18748   1.78385   1.000 22.51476 ?  34  TRP A CH2 1 
ATOM   264 N N   . THR A 1 35 ? -0.74896  9.58864   8.75021   1.000 25.62722 ?  35  THR A N   1 
ATOM   265 C CA  . THR A 1 35 ? -0.74377  9.39728   10.20046  1.000 26.94118 ?  35  THR A CA  1 
ATOM   266 C C   . THR A 1 35 ? 0.15777   8.23498   10.59750  1.000 26.98769 ?  35  THR A C   1 
ATOM   267 O O   . THR A 1 35 ? 0.90238   8.31928   11.58447  1.000 25.50430 ?  35  THR A O   1 
ATOM   268 C CB  . THR A 1 35 ? -2.16453  9.13581   10.69832  1.000 29.83045 ?  35  THR A CB  1 
ATOM   269 O OG1 . THR A 1 35 ? -3.05616  10.14962  10.21742  1.000 31.88034 ?  35  THR A OG1 1 
ATOM   270 C CG2 . THR A 1 35 ? -2.20073  9.13039   12.21271  1.000 29.34209 ?  35  THR A CG2 1 
ATOM   271 N N   . ASN A 1 36 ? 0.09555   7.13352   9.85360   1.000 23.50687 ?  36  ASN A N   1 
ATOM   272 C CA  . ASN A 1 36 ? 0.89992   5.95666   10.16612  1.000 21.22561 ?  36  ASN A CA  1 
ATOM   273 C C   . ASN A 1 36 ? 0.96674   5.09695   8.90898   1.000 20.98982 ?  36  ASN A C   1 
ATOM   274 O O   . ASN A 1 36 ? 0.29365   5.38264   7.91081   1.000 21.83305 ?  36  ASN A O   1 
ATOM   275 C CB  . ASN A 1 36 ? 0.30084   5.19062   11.35685  1.000 22.16153 ?  36  ASN A CB  1 
ATOM   276 C CG  . ASN A 1 36 ? -1.10885  4.75356   11.09941  1.000 22.71393 ?  36  ASN A CG  1 
ATOM   277 O OD1 . ASN A 1 36 ? -1.37963  4.06727   10.11422  1.000 21.97105 ?  36  ASN A OD1 1 
ATOM   278 N ND2 . ASN A 1 36 ? -2.04531  5.16628   11.96253  1.000 24.07607 ?  36  ASN A ND2 1 
ATOM   279 N N   . ASP A 1 37 ? 1.78929   4.03386   8.97088   1.000 18.47656 ?  37  ASP A N   1 
ATOM   280 C CA  . ASP A 1 37 ? 2.01665   3.19457   7.79539   1.000 18.88885 ?  37  ASP A CA  1 
ATOM   281 C C   . ASP A 1 37 ? 0.77784   2.39646   7.41734   1.000 19.38774 ?  37  ASP A C   1 
ATOM   282 O O   . ASP A 1 37 ? 0.64408   1.98587   6.26143   1.000 18.06710 ?  37  ASP A O   1 
ATOM   283 C CB  . ASP A 1 37 ? 3.17160   2.21608   8.02435   1.000 20.04339 ?  37  ASP A CB  1 
ATOM   284 C CG  . ASP A 1 37 ? 4.49557   2.90993   8.33014   1.000 21.78896 ?  37  ASP A CG  1 
ATOM   285 O OD1 . ASP A 1 37 ? 4.69709   4.04725   7.86570   1.000 23.20034 ?  37  ASP A OD1 1 
ATOM   286 O OD2 . ASP A 1 37 ? 5.34314   2.29688   9.01307   1.000 22.81646 -1 37  ASP A OD2 1 
ATOM   287 N N   . GLN A 1 38 ? -0.12625  2.13729   8.36829   1.000 17.18372 ?  38  GLN A N   1 
ATOM   288 C CA  . GLN A 1 38 ? -1.35014  1.41054   8.02791   1.000 17.43242 ?  38  GLN A CA  1 
ATOM   289 C C   . GLN A 1 38 ? -2.25153  2.24250   7.13173   1.000 21.19690 ?  38  GLN A C   1 
ATOM   290 O O   . GLN A 1 38 ? -2.83984  1.71917   6.17323   1.000 19.72554 ?  38  GLN A O   1 
ATOM   291 C CB  . GLN A 1 38 ? -2.09672  0.99654   9.31001   1.000 17.93961 ?  38  GLN A CB  1 
ATOM   292 C CG  . GLN A 1 38 ? -3.34095  0.14753   9.03656   1.000 17.63774 ?  38  GLN A CG  1 
ATOM   293 C CD  . GLN A 1 38 ? -2.99125  -1.25361  8.56939   1.000 19.87310 ?  38  GLN A CD  1 
ATOM   294 O OE1 . GLN A 1 38 ? -2.19811  -1.95932  9.21340   1.000 19.01336 ?  38  GLN A OE1 1 
ATOM   295 N NE2 . GLN A 1 38 ? -3.56908  -1.66703  7.43783   1.000 19.89961 ?  38  GLN A NE2 1 
ATOM   296 N N   . GLU A 1 39 ? -2.39763  3.53304   7.44096   1.000 20.40359 ?  39  GLU A N   1 
ATOM   297 C CA  . GLU A 1 39 ? -3.19070  4.41270   6.58742   1.000 20.08650 ?  39  GLU A CA  1 
ATOM   298 C C   . GLU A 1 39 ? -2.60561  4.46201   5.17815   1.000 20.06759 ?  39  GLU A C   1 
ATOM   299 O O   . GLU A 1 39 ? -3.34396  4.39870   4.18230   1.000 18.74040 ?  39  GLU A O   1 
ATOM   300 C CB  . GLU A 1 39 ? -3.22570  5.80957   7.20203   1.000 22.10725 ?  39  GLU A CB  1 
ATOM   301 C CG  . GLU A 1 39 ? -4.20563  6.77474   6.56793   1.000 27.50469 ?  39  GLU A CG  1 
ATOM   302 C CD  . GLU A 1 39 ? -4.20377  8.15765   7.23505   1.000 33.77766 ?  39  GLU A CD  1 
ATOM   303 O OE1 . GLU A 1 39 ? -3.18712  8.89339   7.15845   1.000 33.33681 ?  39  GLU A OE1 1 
ATOM   304 O OE2 . GLU A 1 39 ? -5.23398  8.49782   7.86241   1.000 40.48137 -1 39  GLU A OE2 1 
ATOM   305 N N   . PHE A 1 40 ? -1.27575  4.53720   5.08301   1.000 19.08018 ?  40  PHE A N   1 
ATOM   306 C CA  . PHE A 1 40 ? -0.61324  4.51859   3.77747   1.000 17.95866 ?  40  PHE A CA  1 
ATOM   307 C C   . PHE A 1 40 ? -0.94344  3.24063   3.01399   1.000 20.19148 ?  40  PHE A C   1 
ATOM   308 O O   . PHE A 1 40 ? -1.34172  3.28980   1.83678   1.000 18.09780 ?  40  PHE A O   1 
ATOM   309 C CB  . PHE A 1 40 ? 0.89859   4.68243   3.92450   1.000 17.28348 ?  40  PHE A CB  1 
ATOM   310 C CG  . PHE A 1 40 ? 1.60086   4.92058   2.61383   1.000 20.90945 ?  40  PHE A CG  1 
ATOM   311 C CD1 . PHE A 1 40 ? 1.91742   3.86203   1.76782   1.000 22.94366 ?  40  PHE A CD1 1 
ATOM   312 C CD2 . PHE A 1 40 ? 1.93710   6.20407   2.23122   1.000 21.21748 ?  40  PHE A CD2 1 
ATOM   313 C CE1 . PHE A 1 40 ? 2.56336   4.08021   0.55727   1.000 23.17919 ?  40  PHE A CE1 1 
ATOM   314 C CE2 . PHE A 1 40 ? 2.57151   6.43667   1.01124   1.000 22.28434 ?  40  PHE A CE2 1 
ATOM   315 C CZ  . PHE A 1 40 ? 2.89248   5.37609   0.17838   1.000 25.16447 ?  40  PHE A CZ  1 
ATOM   316 N N   . LEU A 1 41 ? -0.77724  2.08254   3.66834   1.000 18.07564 ?  41  LEU A N   1 
ATOM   317 C CA  . LEU A 1 41 ? -1.05092  0.81220   3.00685   1.000 17.75507 ?  41  LEU A CA  1 
ATOM   318 C C   . LEU A 1 41 ? -2.49277  0.73306   2.53251   1.000 18.29323 ?  41  LEU A C   1 
ATOM   319 O O   . LEU A 1 41 ? -2.75984  0.27439   1.41745   1.000 18.24083 ?  41  LEU A O   1 
ATOM   320 C CB  . LEU A 1 41 ? -0.74325  -0.35955  3.94229   1.000 19.13571 ?  41  LEU A CB  1 
ATOM   321 C CG  . LEU A 1 41 ? -1.11389  -1.72863  3.35438   1.000 22.76496 ?  41  LEU A CG  1 
ATOM   322 C CD1 . LEU A 1 41 ? -0.31943  -2.03801  2.10891   1.000 22.63071 ?  41  LEU A CD1 1 
ATOM   323 C CD2 . LEU A 1 41 ? -0.90552  -2.83399  4.35220   1.000 24.45989 ?  41  LEU A CD2 1 
ATOM   324 N N   . ASP A 1 42 ? -3.44608  1.12644   3.38902   1.000 18.00118 ?  42  ASP A N   1 
ATOM   325 C CA  . ASP A 1 42 ? -4.85602  0.99403   3.02257   1.000 18.07562 ?  42  ASP A CA  1 
ATOM   326 C C   . ASP A 1 42 ? -5.19558  1.88097   1.82232   1.000 19.20685 ?  42  ASP A C   1 
ATOM   327 O O   . ASP A 1 42 ? -5.93691  1.46937   0.90685   1.000 20.76912 ?  42  ASP A O   1 
ATOM   328 C CB  . ASP A 1 42 ? -5.75495  1.33482   4.22016   1.000 19.50694 ?  42  ASP A CB  1 
ATOM   329 C CG  . ASP A 1 42 ? -5.66260  0.30931   5.35172   1.000 23.52893 ?  42  ASP A CG  1 
ATOM   330 O OD1 . ASP A 1 42 ? -5.23936  -0.82408  5.09376   1.000 25.20095 ?  42  ASP A OD1 1 
ATOM   331 O OD2 . ASP A 1 42 ? -6.05408  0.64173   6.49266   1.000 24.05918 -1 42  ASP A OD2 1 
ATOM   332 N N   . ALA A 1 43 ? -4.62059  3.08698   1.78198   1.000 18.69565 ?  43  ALA A N   1 
ATOM   333 C CA  . ALA A 1 43 ? -4.81636  3.93454   0.60694   1.000 19.45565 ?  43  ALA A CA  1 
ATOM   334 C C   . ALA A 1 43 ? -4.16456  3.32175   -0.62349  1.000 20.30972 ?  43  ALA A C   1 
ATOM   335 O O   . ALA A 1 43 ? -4.70075  3.42995   -1.74061  1.000 19.09817 ?  43  ALA A O   1 
ATOM   336 C CB  . ALA A 1 43 ? -4.24009  5.31553   0.87887   1.000 18.83635 ?  43  ALA A CB  1 
ATOM   337 N N   . TYR A 1 44 ? -2.97481  2.72313   -0.45387  1.000 19.13479 ?  44  TYR A N   1 
ATOM   338 C CA  . TYR A 1 44 ? -2.31130  2.07171   -1.58066  1.000 19.59397 ?  44  TYR A CA  1 
ATOM   339 C C   . TYR A 1 44 ? -3.18061  0.95945   -2.15768  1.000 19.48074 ?  44  TYR A C   1 
ATOM   340 O O   . TYR A 1 44 ? -3.29064  0.82364   -3.37991  1.000 18.90955 ?  44  TYR A O   1 
ATOM   341 C CB  . TYR A 1 44 ? -0.91605  1.52392   -1.19759  1.000 16.35670 ?  44  TYR A CB  1 
ATOM   342 C CG  . TYR A 1 44 ? -0.34162  0.83127   -2.40857  1.000 17.03284 ?  44  TYR A CG  1 
ATOM   343 C CD1 . TYR A 1 44 ? 0.34838   1.55909   -3.37433  1.000 17.62033 ?  44  TYR A CD1 1 
ATOM   344 C CD2 . TYR A 1 44 ? -0.59165  -0.51586  -2.64201  1.000 18.81689 ?  44  TYR A CD2 1 
ATOM   345 C CE1 . TYR A 1 44 ? 0.79207   0.95694   -4.53810  1.000 17.07953 ?  44  TYR A CE1 1 
ATOM   346 C CE2 . TYR A 1 44 ? -0.16877  -1.12931  -3.81771  1.000 18.63958 ?  44  TYR A CE2 1 
ATOM   347 C CZ  . TYR A 1 44 ? 0.52640   -0.37825  -4.74548  1.000 18.84076 ?  44  TYR A CZ  1 
ATOM   348 O OH  . TYR A 1 44 ? 0.92954   -0.97242  -5.91040  1.000 18.87761 ?  44  TYR A OH  1 
ATOM   349 N N   . VAL A 1 45 ? -3.76786  0.12453   -1.29615  1.000 19.69982 ?  45  VAL A N   1 
ATOM   350 C CA  . VAL A 1 45 ? -4.60634  -0.97156  -1.78431  1.000 19.79094 ?  45  VAL A CA  1 
ATOM   351 C C   . VAL A 1 45 ? -5.73810  -0.43833  -2.65680  1.000 22.15920 ?  45  VAL A C   1 
ATOM   352 O O   . VAL A 1 45 ? -6.00500  -0.97703  -3.75168  1.000 22.09828 ?  45  VAL A O   1 
ATOM   353 C CB  . VAL A 1 45 ? -5.13655  -1.82387  -0.61366  1.000 19.64897 ?  45  VAL A CB  1 
ATOM   354 C CG1 . VAL A 1 45 ? -6.26876  -2.75762  -1.11135  1.000 23.09459 ?  45  VAL A CG1 1 
ATOM   355 C CG2 . VAL A 1 45 ? -4.01924  -2.60885  0.05079   1.000 23.72371 ?  45  VAL A CG2 1 
ATOM   356 N N   . GLN A 1 46 ? -6.39550  0.65150   -2.21540  1.000 20.24085 ?  46  GLN A N   1 
ATOM   357 C CA  . GLN A 1 46 ? -7.46470  1.25491   -3.02587  1.000 24.78694 ?  46  GLN A CA  1 
ATOM   358 C C   . GLN A 1 46 ? -6.93256  1.78026   -4.36320  1.000 23.47396 ?  46  GLN A C   1 
ATOM   359 O O   . GLN A 1 46 ? -7.53624  1.56284   -5.43471  1.000 25.60893 ?  46  GLN A O   1 
ATOM   360 C CB  . GLN A 1 46 ? -8.13512  2.38984   -2.24984  1.000 26.62224 ?  46  GLN A CB  1 
ATOM   361 C CG  . GLN A 1 46 ? -8.80900  1.94626   -0.97144  1.000 31.74611 ?  46  GLN A CG  1 
ATOM   362 C CD  . GLN A 1 46 ? -9.08391  3.11736   -0.04326  1.000 35.91714 ?  46  GLN A CD  1 
ATOM   363 O OE1 . GLN A 1 46 ? -8.43468  4.15565   -0.14703  1.000 39.56367 ?  46  GLN A OE1 1 
ATOM   364 N NE2 . GLN A 1 46 ? -9.99475  2.93373   0.91180   1.000 41.61228 ?  46  GLN A NE2 1 
ATOM   365 N N   . ALA A 1 47 ? -5.79102  2.47699   -4.31982  1.000 22.28405 ?  47  ALA A N   1 
ATOM   366 C CA  . ALA A 1 47 ? -5.23346  3.06583   -5.54280  1.000 22.03380 ?  47  ALA A CA  1 
ATOM   367 C C   . ALA A 1 47 ? -4.78003  1.98538   -6.52120  1.000 24.98082 ?  47  ALA A C   1 
ATOM   368 O O   . ALA A 1 47 ? -4.89301  2.14902   -7.74732  1.000 22.63121 ?  47  ALA A O   1 
ATOM   369 C CB  . ALA A 1 47 ? -4.07845  4.00284   -5.18641  1.000 22.45843 ?  47  ALA A CB  1 
ATOM   370 N N   . HIS A 1 48 ? -4.25597  0.88138   -5.99966  1.000 21.23340 ?  48  HIS A N   1 
ATOM   371 C CA  . HIS A 1 48 ? -3.79782  -0.22458  -6.83019  1.000 22.06619 ?  48  HIS A CA  1 
ATOM   372 C C   . HIS A 1 48 ? -4.96851  -0.87557  -7.54993  1.000 24.01948 ?  48  HIS A C   1 
ATOM   373 O O   . HIS A 1 48 ? -4.89041  -1.15926  -8.75377  1.000 23.14836 ?  48  HIS A O   1 
ATOM   374 C CB  . HIS A 1 48 ? -3.06686  -1.23216  -5.93094  1.000 19.78827 ?  48  HIS A CB  1 
ATOM   375 C CG  . HIS A 1 48 ? -2.45561  -2.38267  -6.66714  1.000 20.95822 ?  48  HIS A CG  1 
ATOM   376 N ND1 . HIS A 1 48 ? -1.10133  -2.50017  -6.87232  1.000 21.14052 ?  48  HIS A ND1 1 
ATOM   377 C CD2 . HIS A 1 48 ? -3.02283  -3.46563  -7.24783  1.000 24.57921 ?  48  HIS A CD2 1 
ATOM   378 C CE1 . HIS A 1 48 ? -0.85540  -3.61117  -7.54757  1.000 23.69979 ?  48  HIS A CE1 1 
ATOM   379 N NE2 . HIS A 1 48 ? -2.00477  -4.21107  -7.79138  1.000 25.28135 ?  48  HIS A NE2 1 
ATOM   380 N N   . ALA A 1 49 ? -6.06882  -1.10229  -6.83163  1.000 24.27688 ?  49  ALA A N   1 
ATOM   381 C CA  . ALA A 1 49 ? -7.27464  -1.59648  -7.49172  1.000 27.70264 ?  49  ALA A CA  1 
ATOM   382 C C   . ALA A 1 49 ? -7.74543  -0.64067  -8.58005  1.000 25.21097 ?  49  ALA A C   1 
ATOM   383 O O   . ALA A 1 49 ? -8.14457  -1.07939  -9.66565  1.000 29.00214 ?  49  ALA A O   1 
ATOM   384 C CB  . ALA A 1 49 ? -8.37596  -1.82501  -6.45966  1.000 25.81246 ?  49  ALA A CB  1 
ATOM   385 N N   . ALA A 1 50 ? -7.68691  0.67436   -8.32866  1.000 25.74087 ?  50  ALA A N   1 
ATOM   386 C CA  . ALA A 1 50 ? -8.13738  1.61955   -9.35154  1.000 26.98661 ?  50  ALA A CA  1 
ATOM   387 C C   . ALA A 1 50 ? -7.21977  1.62811   -10.57151 1.000 27.75914 ?  50  ALA A C   1 
ATOM   388 O O   . ALA A 1 50 ? -7.69424  1.79533   -11.70341 1.000 29.37453 ?  50  ALA A O   1 
ATOM   389 C CB  . ALA A 1 50 ? -8.26842  3.03146   -8.78244  1.000 26.26179 ?  50  ALA A CB  1 
ATOM   390 N N   . LYS A 1 51 ? -5.91285  1.44619   -10.37350 1.000 25.54012 ?  51  LYS A N   1 
ATOM   391 C CA  . LYS A 1 51 ? -4.97148  1.54067   -11.48751 1.000 24.92901 ?  51  LYS A CA  1 
ATOM   392 C C   . LYS A 1 51 ? -4.97103  0.27538   -12.33871 1.000 25.87884 ?  51  LYS A C   1 
ATOM   393 O O   . LYS A 1 51 ? -4.81782  0.34731   -13.56914 1.000 26.51526 ?  51  LYS A O   1 
ATOM   394 C CB  . LYS A 1 51 ? -3.56262  1.80335   -10.94283 1.000 23.15935 ?  51  LYS A CB  1 
ATOM   395 C CG  . LYS A 1 51 ? -2.46596  1.80894   -12.00300 1.000 23.96915 ?  51  LYS A CG  1 
ATOM   396 C CD  . LYS A 1 51 ? -1.24311  2.53196   -11.50163 1.000 25.73631 ?  51  LYS A CD  1 
ATOM   397 C CE  . LYS A 1 51 ? -0.17082  2.60779   -12.58375 1.000 26.40506 ?  51  LYS A CE  1 
ATOM   398 N NZ  . LYS A 1 51 ? 1.06818   3.31178   -12.13763 1.000 28.85387 ?  51  LYS A NZ  1 
ATOM   399 N N   . PHE A 1 52 ? -5.13369  -0.88275  -11.71506 1.000 24.54136 ?  52  PHE A N   1 
ATOM   400 C CA  . PHE A 1 52 ? -4.92635  -2.17717  -12.35664 1.000 26.07174 ?  52  PHE A CA  1 
ATOM   401 C C   . PHE A 1 52 ? -6.23653  -2.94346  -12.51721 1.000 30.34063 ?  52  PHE A C   1 
ATOM   402 O O   . PHE A 1 52 ? -6.28999  -4.16256  -12.34667 1.000 28.34220 ?  52  PHE A O   1 
ATOM   403 C CB  . PHE A 1 52 ? -3.87127  -3.00053  -11.61277 1.000 28.01563 ?  52  PHE A CB  1 
ATOM   404 C CG  . PHE A 1 52 ? -2.50028  -2.35602  -11.59925 1.000 25.13469 ?  52  PHE A CG  1 
ATOM   405 C CD1 . PHE A 1 52 ? -1.76744  -2.22935  -12.76944 1.000 26.90838 ?  52  PHE A CD1 1 
ATOM   406 C CD2 . PHE A 1 52 ? -1.97318  -1.84556  -10.43065 1.000 24.18607 ?  52  PHE A CD2 1 
ATOM   407 C CE1 . PHE A 1 52 ? -0.52669  -1.62656  -12.76569 1.000 28.06637 ?  52  PHE A CE1 1 
ATOM   408 C CE2 . PHE A 1 52 ? -0.72381  -1.24991  -10.40608 1.000 23.82833 ?  52  PHE A CE2 1 
ATOM   409 C CZ  . PHE A 1 52 ? 0.01117   -1.14129  -11.57450 1.000 25.79853 ?  52  PHE A CZ  1 
ATOM   410 N N   . ASP A 1 53 ? -7.30707  -2.21363  -12.82595 1.000 28.93944 ?  53  ASP A N   1 
ATOM   411 C CA  . ASP A 1 53 ? -8.60166  -2.80074  -13.18690 1.000 31.65432 ?  53  ASP A CA  1 
ATOM   412 C C   . ASP A 1 53 ? -9.11876  -3.77157  -12.12811 1.000 33.76250 ?  53  ASP A C   1 
ATOM   413 O O   . ASP A 1 53 ? -9.59581  -4.86551  -12.43547 1.000 35.90407 ?  53  ASP A O   1 
ATOM   414 C CB  . ASP A 1 53 ? -8.54363  -3.44620  -14.56813 1.000 32.72747 ?  53  ASP A CB  1 
ATOM   415 C CG  . ASP A 1 53 ? -8.13374  -2.47370  -15.62344 1.000 37.93006 ?  53  ASP A CG  1 
ATOM   416 O OD1 . ASP A 1 53 ? -8.15563  -1.25594  -15.32783 1.000 40.61294 ?  53  ASP A OD1 1 
ATOM   417 O OD2 . ASP A 1 53 ? -7.77875  -2.91310  -16.74208 1.000 41.64414 ?  53  ASP A OD2 1 
ATOM   418 N N   . GLY A 1 54 ? -9.02009  -3.35549  -10.86207 1.000 30.88400 ?  54  GLY A N   1 
ATOM   419 C CA  . GLY A 1 54 ? -9.61095  -4.07786  -9.74895  1.000 32.18108 ?  54  GLY A CA  1 
ATOM   420 C C   . GLY A 1 54 ? -8.71180  -5.09522  -9.08089  1.000 33.32569 ?  54  GLY A C   1 
ATOM   421 O O   . GLY A 1 54 ? -9.15668  -5.77129  -8.14052  1.000 34.52293 ?  54  GLY A O   1 
ATOM   422 N N   . GLU A 1 55 ? -7.46283  -5.22077  -9.52145  1.000 33.17795 ?  55  GLU A N   1 
ATOM   423 C CA  . GLU A 1 55 ? -6.56057  -6.21105  -8.94946  1.000 33.89225 ?  55  GLU A CA  1 
ATOM   424 C C   . GLU A 1 55 ? -6.34656  -5.96445  -7.45747  1.000 34.93875 ?  55  GLU A C   1 
ATOM   425 O O   . GLU A 1 55 ? -6.16737  -4.82684  -7.01066  1.000 32.35667 ?  55  GLU A O   1 
ATOM   426 C CB  . GLU A 1 55 ? -5.22712  -6.17782  -9.69306  1.000 34.68242 ?  55  GLU A CB  1 
ATOM   427 C CG  . GLU A 1 55 ? -4.20706  -7.17715  -9.20265  1.000 34.77378 ?  55  GLU A CG  1 
ATOM   428 C CD  . GLU A 1 55 ? -2.91442  -7.10040  -9.98985  1.000 41.64931 ?  55  GLU A CD  1 
ATOM   429 O OE1 . GLU A 1 55 ? -1.91865  -6.53983  -9.47435  1.000 40.30547 ?  55  GLU A OE1 1 
ATOM   430 O OE2 . GLU A 1 55 ? -2.89701  -7.60142  -11.13714 1.000 42.01235 ?  55  GLU A OE2 1 
ATOM   431 N N   . GLU A 1 56 ? -6.38670  -7.04413  -6.69188  1.000 34.43737 ?  56  GLU A N   1 
ATOM   432 C CA  . GLU A 1 56 ? -6.19239  -7.01576  -5.25103  1.000 36.10617 ?  56  GLU A CA  1 
ATOM   433 C C   . GLU A 1 56 ? -4.70200  -7.10195  -4.95761  1.000 34.42953 ?  56  GLU A C   1 
ATOM   434 O O   . GLU A 1 56 ? -4.05944  -8.11114  -5.26002  1.000 37.60643 ?  56  GLU A O   1 
ATOM   435 C CB  . GLU A 1 56 ? -6.90301  -8.21711  -4.63033  1.000 38.73704 ?  56  GLU A CB  1 
ATOM   436 C CG  . GLU A 1 56 ? -8.34390  -7.96009  -4.23005  1.000 42.85172 ?  56  GLU A CG  1 
ATOM   437 C CD  . GLU A 1 56 ? -8.68669  -8.60069  -2.88195  1.000 44.42626 ?  56  GLU A CD  1 
ATOM   438 O OE1 . GLU A 1 56 ? -7.93959  -8.37170  -1.89455  1.000 45.48530 ?  56  GLU A OE1 1 
ATOM   439 O OE2 . GLU A 1 56 ? -9.69837  -9.34372  -2.80696  1.000 44.43047 ?  56  GLU A OE2 1 
ATOM   440 N N   . PHE A 1 57 ? -4.14872  -6.04940  -4.36710  1.000 30.71091 ?  57  PHE A N   1 
ATOM   441 C CA  . PHE A 1 57 ? -2.75465  -6.08298  -3.94135  1.000 28.21112 ?  57  PHE A CA  1 
ATOM   442 C C   . PHE A 1 57 ? -2.57410  -7.15329  -2.87363  1.000 29.07152 ?  57  PHE A C   1 
ATOM   443 O O   . PHE A 1 57 ? -3.31296  -7.17788  -1.88656  1.000 28.52581 ?  57  PHE A O   1 
ATOM   444 C CB  . PHE A 1 57 ? -2.37331  -4.71182  -3.37364  1.000 24.80679 ?  57  PHE A CB  1 
ATOM   445 C CG  . PHE A 1 57 ? -0.92718  -4.59161  -2.97696  1.000 25.36840 ?  57  PHE A CG  1 
ATOM   446 C CD1 . PHE A 1 57 ? 0.09046   -4.80955  -3.89636  1.000 24.74545 ?  57  PHE A CD1 1 
ATOM   447 C CD2 . PHE A 1 57 ? -0.58730  -4.26236  -1.67875  1.000 24.82088 ?  57  PHE A CD2 1 
ATOM   448 C CE1 . PHE A 1 57 ? 1.41848   -4.69466  -3.51505  1.000 24.17107 ?  57  PHE A CE1 1 
ATOM   449 C CE2 . PHE A 1 57 ? 0.73895   -4.14743  -1.28681  1.000 20.82084 ?  57  PHE A CE2 1 
ATOM   450 C CZ  . PHE A 1 57 ? 1.75176   -4.35788  -2.21642  1.000 22.87551 ?  57  PHE A CZ  1 
ATOM   451 N N   . GLN A 1 58 ? -1.60375  -8.04618  -3.08698  1.000 29.40180 ?  58  GLN A N   1 
ATOM   452 C CA  . GLN A 1 58 ? -1.25628  -9.11334  -2.15075  1.000 34.67389 ?  58  GLN A CA  1 
ATOM   453 C C   . GLN A 1 58 ? 0.26524   -9.19672  -2.04420  1.000 35.19781 ?  58  GLN A C   1 
ATOM   454 O O   . GLN A 1 58 ? 0.99035   -8.78352  -2.95166  1.000 35.13476 ?  58  GLN A O   1 
ATOM   455 C CB  . GLN A 1 58 ? -1.77947  -10.47786 -2.62812  1.000 36.38436 ?  58  GLN A CB  1 
ATOM   456 C CG  . GLN A 1 58 ? -3.05029  -10.44485 -3.43977  1.000 39.55772 ?  58  GLN A CG  1 
ATOM   457 C CD  . GLN A 1 58 ? -3.45881  -11.82654 -3.94898  1.000 41.06664 ?  58  GLN A CD  1 
ATOM   458 O OE1 . GLN A 1 58 ? -2.61902  -12.60393 -4.39773  1.000 46.98297 ?  58  GLN A OE1 1 
ATOM   459 N NE2 . GLN A 1 58 ? -4.75194  -12.10499 -3.94513  1.000 44.31294 ?  58  GLN A NE2 1 
ATOM   460 N N   . VAL A 1 59 ? 0.76575   -9.75131  -0.93913  1.000 38.33470 ?  59  VAL A N   1 
ATOM   461 C CA  . VAL A 1 59 ? 2.19950   -9.75360  -0.65454  1.000 38.20166 ?  59  VAL A CA  1 
ATOM   462 C C   . VAL A 1 59 ? 2.79573   -11.16158 -0.67640  1.000 44.05121 ?  59  VAL A C   1 
ATOM   463 O O   . VAL A 1 59 ? 3.78357   -11.41300 -1.37357  1.000 47.28234 ?  59  VAL A O   1 
ATOM   464 C CB  . VAL A 1 59 ? 2.52519   -9.00549  0.65656   1.000 37.41663 ?  59  VAL A CB  1 
ATOM   465 C CG1 . VAL A 1 59 ? 3.91928   -9.34414  1.13777   1.000 38.98838 ?  59  VAL A CG1 1 
ATOM   466 C CG2 . VAL A 1 59 ? 2.41372   -7.51292  0.41422   1.000 34.80324 ?  59  VAL A CG2 1 
ATOM   467 N N   . ALA A 1 60 ? 2.22135   -12.08064 0.09351   1.000 44.55947 ?  60  ALA A N   1 
ATOM   468 C CA  . ALA A 1 60 ? 2.66593   -13.48089 0.11920   1.000 44.99685 ?  60  ALA A CA  1 
ATOM   469 C C   . ALA A 1 60 ? 4.18324   -13.64275 0.26908   1.000 48.53051 ?  60  ALA A C   1 
ATOM   470 O O   . ALA A 1 60 ? 4.73409   -13.49455 1.36438   1.000 50.89850 ?  60  ALA A O   1 
ATOM   471 C CB  . ALA A 1 60 ? 2.17197   -14.21659 -1.11882  1.000 44.62824 ?  60  ALA A CB  1 
HETATM 472 O O   . HOH B 2 .  ? -8.43975  -4.28340  -18.26764 1.000 45.01440 ?  101 HOH A O   1 
HETATM 473 O O   . HOH B 2 .  ? -2.51722  12.35625  -7.47782  1.000 29.36830 ?  102 HOH A O   1 
HETATM 474 O O   . HOH B 2 .  ? 11.64474  2.71559   -4.77486  1.000 34.71233 ?  103 HOH A O   1 
HETATM 475 O O   . HOH B 2 .  ? 0.25480   5.83547   -15.25668 1.000 39.86306 ?  104 HOH A O   1 
HETATM 476 O O   . HOH B 2 .  ? -8.00765  0.75161   -14.01894 1.000 35.33277 ?  105 HOH A O   1 
HETATM 477 O O   . HOH B 2 .  ? -0.47915  5.96232   -11.69926 1.000 36.89038 ?  106 HOH A O   1 
HETATM 478 O O   . HOH B 2 .  ? -2.60145  -13.11865 3.04581   1.000 37.57001 ?  107 HOH A O   1 
HETATM 479 O O   . HOH B 2 .  ? 10.05145  5.11289   -6.98141  1.000 25.64436 ?  108 HOH A O   1 
HETATM 480 O O   . HOH B 2 .  ? -6.17022  2.78876   7.95824   1.000 30.39074 ?  109 HOH A O   1 
HETATM 481 O O   . HOH B 2 .  ? 5.83043   7.58374   -14.11276 1.000 50.66019 ?  110 HOH A O   1 
HETATM 482 O O   . HOH B 2 .  ? 11.07048  -1.33648  1.04023   1.000 31.92200 ?  111 HOH A O   1 
HETATM 483 O O   . HOH B 2 .  ? -7.79318  4.48931   2.38654   1.000 31.53972 ?  112 HOH A O   1 
HETATM 484 O O   . HOH B 2 .  ? -7.05479  -0.70981  8.52670   1.000 31.37222 ?  113 HOH A O   1 
HETATM 485 O O   . HOH B 2 .  ? 8.95490   0.91808   11.21338  1.000 33.84137 ?  114 HOH A O   1 
HETATM 486 O O   . HOH B 2 .  ? -2.85296  17.02397  0.63125   1.000 42.11865 ?  115 HOH A O   1 
HETATM 487 O O   . HOH B 2 .  ? 4.01742   -12.77625 3.83244   1.000 48.31868 ?  116 HOH A O   1 
HETATM 488 O O   . HOH B 2 .  ? -6.28397  5.38756   -2.67336  1.000 29.53331 ?  117 HOH A O   1 
HETATM 489 O O   . HOH B 2 .  ? 8.56493   -5.97777  10.61023  1.000 26.83110 ?  118 HOH A O   1 
HETATM 490 O O   . HOH B 2 .  ? -5.66792  -3.68704  5.47953   1.000 29.56260 ?  119 HOH A O   1 
HETATM 491 O O   . HOH B 2 .  ? 5.07214   2.33619   -11.74735 1.000 23.51206 ?  120 HOH A O   1 
HETATM 492 O O   . HOH B 2 .  ? -8.03736  -0.14186  1.57433   1.000 28.25002 ?  121 HOH A O   1 
HETATM 493 O O   . HOH B 2 .  ? 3.86364   5.89339   6.03453   1.000 32.97877 ?  122 HOH A O   1 
HETATM 494 O O   . HOH B 2 .  ? 2.45674   -3.98259  -7.25595  1.000 28.05403 ?  123 HOH A O   1 
HETATM 495 O O   . HOH B 2 .  ? 8.88985   -2.28350  8.03393   1.000 24.37653 ?  124 HOH A O   1 
HETATM 496 O O   . HOH B 2 .  ? -5.94320  -3.66539  -4.42601  1.000 27.34308 ?  125 HOH A O   1 
HETATM 497 O O   . HOH B 2 .  ? 7.27052   1.04269   -4.35424  1.000 26.85195 ?  126 HOH A O   1 
HETATM 498 O O   . HOH B 2 .  ? 12.00821  -3.98976  7.88392   1.000 38.10550 ?  127 HOH A O   1 
HETATM 499 O O   . HOH B 2 .  ? -5.52916  14.07915  2.46057   1.000 37.31026 ?  128 HOH A O   1 
HETATM 500 O O   . HOH B 2 .  ? -6.06848  5.17348   4.19617   1.000 25.37684 ?  129 HOH A O   1 
HETATM 501 O O   . HOH B 2 .  ? -0.55017  -17.27680 5.02330   1.000 27.77842 ?  130 HOH A O   1 
HETATM 502 O O   . HOH B 2 .  ? -10.35372 0.98930   -5.72753  1.000 32.74767 ?  131 HOH A O   1 
HETATM 503 O O   . HOH B 2 .  ? 9.16630   -7.46268  -0.62581  1.000 30.51237 ?  132 HOH A O   1 
HETATM 504 O O   . HOH B 2 .  ? -2.14379  5.90129   14.77596  1.000 28.04763 ?  133 HOH A O   1 
HETATM 505 O O   . HOH B 2 .  ? -6.62402  -5.43655  4.03477   1.000 30.37771 ?  134 HOH A O   1 
HETATM 506 O O   . HOH B 2 .  ? -5.80421  10.05686  4.38093   1.000 30.36226 ?  135 HOH A O   1 
HETATM 507 O O   . HOH B 2 .  ? -4.95039  4.88794   11.53326  1.000 37.78325 ?  136 HOH A O   1 
HETATM 508 O O   . HOH B 2 .  ? 6.10088   -9.87023  6.06354   1.000 31.87658 ?  137 HOH A O   1 
HETATM 509 O O   . HOH B 2 .  ? -0.89817  -10.16570 3.43008   1.000 31.48502 ?  138 HOH A O   1 
HETATM 510 O O   . HOH B 2 .  ? -2.73421  0.99594   -15.65864 1.000 32.59900 ?  139 HOH A O   1 
HETATM 511 O O   . HOH B 2 .  ? -1.85510  -10.43587 0.93537   1.000 33.51586 ?  140 HOH A O   1 
HETATM 512 O O   . HOH B 2 .  ? -9.26761  -7.86927  2.65830   1.000 38.70552 ?  141 HOH A O   1 
HETATM 513 O O   . HOH B 2 .  ? -0.59714  -8.03233  -6.10943  1.000 36.54757 ?  142 HOH A O   1 
HETATM 514 O O   . HOH B 2 .  ? -7.14995  -4.94373  1.25937   1.000 31.94764 ?  143 HOH A O   1 
HETATM 515 O O   . HOH B 2 .  ? 5.14238   11.52742  -7.24902  1.000 28.76701 ?  144 HOH A O   1 
HETATM 516 O O   . HOH B 2 .  ? -11.97218 -8.43390  -0.58824  1.000 32.42219 ?  145 HOH A O   1 
HETATM 517 O O   . HOH B 2 .  ? 4.78446   6.62679   10.11187  1.000 38.43845 ?  146 HOH A O   1 
HETATM 518 O O   . HOH B 2 .  ? -7.17057  -14.73334 -4.40136  1.000 33.39670 ?  147 HOH A O   1 
HETATM 519 O O   . HOH B 2 .  ? 1.86496   -6.49868  -6.99441  1.000 36.84032 ?  148 HOH A O   1 
HETATM 520 O O   . HOH B 2 .  ? -4.99255  6.29728   14.65746  1.000 35.32896 ?  149 HOH A O   1 
HETATM 521 O O   . HOH B 2 .  ? 5.04262   6.54808   4.37502   1.000 41.27769 ?  150 HOH A O   1 
HETATM 522 O O   . HOH B 2 .  ? -9.38267  -4.90270  0.79253   1.000 36.61050 ?  151 HOH A O   1 
HETATM 523 O O   . HOH B 2 .  ? 9.18378   -9.85535  5.32852   1.000 42.38263 ?  152 HOH A O   1 
HETATM 524 O O   . HOH B 2 .  ? 10.91309  -9.30977  3.99622   1.000 46.08778 ?  153 HOH A O   1 
# 
